data_5W6G
#
_entry.id   5W6G
#
_cell.length_a   177.310
_cell.length_b   177.310
_cell.length_c   177.310
_cell.angle_alpha   90.000
_cell.angle_beta   90.000
_cell.angle_gamma   90.000
#
_symmetry.space_group_name_H-M   'P 21 3'
#
loop_
_entity.id
_entity.type
_entity.pdbx_description
1 polymer 'Hemagglutinin HA1'
2 polymer 'Hemagglutinin HA2'
3 polymer '6649 antibody heavy chain'
4 polymer '6649 antibody light chain'
5 branched 2-acetamido-2-deoxy-beta-D-glucopyranose-(1-4)-2-acetamido-2-deoxy-beta-D-glucopyranose
6 non-polymer 2-acetamido-2-deoxy-beta-D-glucopyranose
7 non-polymer 'SULFATE ION'
8 non-polymer GLYCEROL
9 water water
#
loop_
_entity_poly.entity_id
_entity_poly.type
_entity_poly.pdbx_seq_one_letter_code
_entity_poly.pdbx_strand_id
1 'polypeptide(L)'
;ADPGYLLEDTICIGYHANNSTDTVDTVLEKNVTVTHSVNLLEDSHNGKLCLLKGIAPLQLGNCSVAGWILGNPECELLIS
RESWSYIVEKPNPENGTCYPGHFADYEELREQLSSVSSFERFEIFPKESSWPNHTTTGVSASCSHNGESSFYKNLLWLTG
KNGLYPNLSKSYANNKEKEVLVLWGVHHPPNIGDQRALYHTENAYVSVVSSHYSRKFTPEIAKRPKVRDREGRINYYWTL
LEPGDTIIFEANGNLIAPRYAFALSRGFGSGIINSNAPMDECDAKCQTPQGAINSSLPFQNVHPVTIGECPKYVRSAKLR
MVTGLRNIPSIQSR
;
A
2 'polypeptide(L)'
;GLFGAIAGFIEGGWTGMVDGWYGYHHQNEQGSGYAADQKSTQNAINGITNKVNSVIEKMNTQFTAVGKEFNKLERRMENL
NKKVDDGFIDIWTYNAELLVLLENERTLDFHDSNVKNLYEKVKSQLKNNAKEIGNGCFEFYHKCNDECMESVKNGTYDYP
KYSEESKLNREKIDGVRS
;
B
3 'polypeptide(L)'
;QVQLQESGPGLVKTSETLSLTCTVSGGSIKNKDFFWAWIRQPPGKALEWIGSVFYSGGAYYNWSLRNRVTMSADTSKNQF
SLKMTSVTASDTSFYYCATSYVDNWHAGLHWFDSWGRGTLVTVSGASTKGPSVFPLAPSSKSTSGGTVALGCLVKDYFPE
PVTVSWNSGALTSGVHTFPAVLQSSGLYSLSSVVTVPSSSLGTQTYICNVNHKPSNTKVDKRVEPKSCDK
;
H
4 'polypeptide(L)'
;QSVLTQPPSVSGAPGQRVSISCTGTHSNIGAGFDVHWYQQLPGTAPKLLIYANNNRPSGVPDRFSGSKSGSSASLAITGL
QAEDEADYYCQSFDSILSGDLVFGGGTKLTVLGQPKGAPSVTLFPPSSEELQANKATLVCLISDFYPGAVTVAWKADSSP
VKAGVETTTPSKQSNNKYAASSYLSLTPEQWKSHRSYSCQVTHEGSTVEKTVAPTECS
;
L
#
loop_
_chem_comp.id
_chem_comp.type
_chem_comp.name
_chem_comp.formula
GOL non-polymer GLYCEROL 'C3 H8 O3'
NAG D-saccharide, beta linking 2-acetamido-2-deoxy-beta-D-glucopyranose 'C8 H15 N O6'
SO4 non-polymer 'SULFATE ION' 'O4 S -2'
#
# COMPACT_ATOMS: atom_id res chain seq x y z
N TYR A 5 -28.02 35.50 87.00
CA TYR A 5 -29.01 34.44 87.12
C TYR A 5 -29.67 34.13 85.77
N LEU A 6 -29.74 35.14 84.90
CA LEU A 6 -30.44 35.12 83.62
C LEU A 6 -29.53 35.16 82.38
N LEU A 7 -30.07 34.73 81.22
CA LEU A 7 -29.33 34.75 79.97
C LEU A 7 -30.05 35.63 78.93
N GLU A 8 -29.44 36.80 78.62
CA GLU A 8 -29.92 37.82 77.67
C GLU A 8 -29.65 37.37 76.21
N ASP A 9 -29.73 38.31 75.24
CA ASP A 9 -29.51 38.04 73.80
C ASP A 9 -28.03 37.69 73.44
N THR A 10 -27.83 36.59 72.66
CA THR A 10 -26.50 36.08 72.23
C THR A 10 -26.29 35.76 70.75
N ILE A 11 -25.01 35.88 70.32
CA ILE A 11 -24.46 35.49 69.03
C ILE A 11 -23.26 34.59 69.34
N CYS A 12 -23.28 33.39 68.77
CA CYS A 12 -22.27 32.35 68.94
C CYS A 12 -21.64 32.02 67.60
N ILE A 13 -20.31 31.96 67.53
CA ILE A 13 -19.66 31.55 66.29
C ILE A 13 -19.25 30.07 66.42
N GLY A 14 -19.30 29.35 65.32
CA GLY A 14 -18.99 27.93 65.30
C GLY A 14 -18.86 27.28 63.95
N TYR A 15 -18.77 25.96 63.97
CA TYR A 15 -18.53 25.22 62.75
C TYR A 15 -19.49 24.05 62.53
N HIS A 16 -19.59 23.60 61.27
CA HIS A 16 -20.46 22.52 60.80
C HIS A 16 -20.10 21.13 61.39
N ALA A 17 -21.10 20.23 61.43
CA ALA A 17 -20.98 18.83 61.85
C ALA A 17 -22.03 18.00 61.07
N ASN A 18 -21.82 16.64 60.95
CA ASN A 18 -22.72 15.72 60.23
C ASN A 18 -22.55 14.24 60.62
N ASN A 19 -23.31 13.33 59.94
CA ASN A 19 -23.31 11.87 60.18
C ASN A 19 -22.05 11.12 59.65
N SER A 20 -21.08 11.86 59.05
CA SER A 20 -19.83 11.34 58.46
C SER A 20 -18.95 10.57 59.43
N THR A 21 -18.59 9.34 59.02
CA THR A 21 -17.72 8.46 59.81
C THR A 21 -16.35 8.30 59.11
N ASP A 22 -16.09 9.15 58.08
CA ASP A 22 -14.85 9.24 57.31
C ASP A 22 -13.68 9.56 58.24
N THR A 23 -12.54 8.89 58.06
CA THR A 23 -11.36 9.12 58.89
C THR A 23 -10.15 9.36 58.01
N VAL A 24 -9.25 10.24 58.44
CA VAL A 24 -8.01 10.58 57.74
C VAL A 24 -6.85 10.50 58.75
N ASP A 25 -5.62 10.65 58.25
CA ASP A 25 -4.41 10.66 59.06
C ASP A 25 -3.65 11.93 58.70
N THR A 26 -3.00 12.55 59.69
CA THR A 26 -2.21 13.76 59.44
C THR A 26 -0.80 13.43 59.84
N VAL A 27 0.13 14.32 59.53
CA VAL A 27 1.52 14.13 59.89
C VAL A 27 1.69 14.03 61.46
N LEU A 28 0.69 14.53 62.23
CA LEU A 28 0.70 14.56 63.70
C LEU A 28 -0.31 13.67 64.40
N GLU A 29 -1.39 13.26 63.71
CA GLU A 29 -2.45 12.48 64.32
C GLU A 29 -2.99 11.38 63.41
N LYS A 30 -3.45 10.28 64.01
CA LYS A 30 -4.05 9.16 63.28
C LYS A 30 -5.57 9.07 63.54
N ASN A 31 -6.31 8.48 62.59
CA ASN A 31 -7.75 8.19 62.68
C ASN A 31 -8.59 9.40 63.16
N VAL A 32 -8.48 10.52 62.43
CA VAL A 32 -9.23 11.76 62.70
C VAL A 32 -10.52 11.67 61.88
N THR A 33 -11.69 11.62 62.55
CA THR A 33 -12.99 11.63 61.86
C THR A 33 -13.23 13.05 61.32
N VAL A 34 -13.72 13.16 60.06
CA VAL A 34 -13.91 14.44 59.35
C VAL A 34 -15.27 14.54 58.64
N THR A 35 -15.76 15.78 58.41
CA THR A 35 -17.07 16.03 57.78
C THR A 35 -17.11 15.64 56.30
N HIS A 36 -16.11 16.08 55.53
CA HIS A 36 -15.99 15.86 54.09
C HIS A 36 -14.57 15.52 53.72
N SER A 37 -14.41 14.51 52.86
CA SER A 37 -13.09 14.12 52.36
C SER A 37 -13.12 13.71 50.88
N VAL A 38 -11.98 13.25 50.38
CA VAL A 38 -11.82 12.79 49.00
C VAL A 38 -10.75 11.70 48.93
N ASN A 39 -11.13 10.55 48.34
CA ASN A 39 -10.26 9.42 48.10
C ASN A 39 -9.42 9.71 46.85
N LEU A 40 -8.08 9.48 46.95
CA LEU A 40 -7.14 9.68 45.84
C LEU A 40 -6.63 8.33 45.23
N LEU A 41 -6.88 7.21 45.96
CA LEU A 41 -6.43 5.87 45.65
C LEU A 41 -7.50 4.94 45.09
N GLU A 42 -7.28 4.49 43.85
CA GLU A 42 -8.17 3.55 43.18
C GLU A 42 -7.80 2.10 43.62
N ASP A 43 -8.69 1.46 44.40
CA ASP A 43 -8.46 0.11 44.90
C ASP A 43 -9.43 -0.95 44.35
N SER A 44 -10.13 -0.62 43.25
CA SER A 44 -11.14 -1.52 42.70
C SER A 44 -11.15 -1.61 41.18
N HIS A 45 -11.26 -2.85 40.68
CA HIS A 45 -11.35 -3.16 39.25
C HIS A 45 -12.67 -3.83 38.95
N ASN A 46 -13.12 -3.73 37.68
CA ASN A 46 -14.38 -4.33 37.23
C ASN A 46 -14.33 -5.84 36.94
N GLY A 47 -13.12 -6.41 36.87
CA GLY A 47 -12.94 -7.84 36.62
C GLY A 47 -13.20 -8.29 35.19
N LYS A 48 -13.24 -7.33 34.24
CA LYS A 48 -13.51 -7.57 32.83
C LYS A 48 -12.34 -7.06 31.96
N LEU A 49 -12.14 -7.69 30.79
CA LEU A 49 -11.09 -7.26 29.86
C LEU A 49 -11.72 -6.34 28.84
N CYS A 50 -11.77 -5.06 29.18
CA CYS A 50 -12.42 -4.05 28.37
C CYS A 50 -11.66 -3.63 27.14
N LEU A 51 -12.27 -2.70 26.41
CA LEU A 51 -11.78 -2.02 25.24
C LEU A 51 -10.86 -0.93 25.72
N LEU A 52 -9.88 -0.56 24.90
CA LEU A 52 -8.94 0.52 25.23
C LEU A 52 -8.98 1.59 24.17
N LYS A 53 -9.53 2.76 24.57
CA LYS A 53 -9.71 3.95 23.71
C LYS A 53 -10.56 3.62 22.45
N GLY A 54 -11.61 2.81 22.66
CA GLY A 54 -12.56 2.40 21.64
C GLY A 54 -12.20 1.14 20.87
N ILE A 55 -11.00 0.59 21.08
CA ILE A 55 -10.55 -0.61 20.38
C ILE A 55 -10.46 -1.79 21.32
N ALA A 56 -10.99 -2.94 20.89
CA ALA A 56 -10.96 -4.20 21.65
C ALA A 56 -9.59 -4.91 21.55
N PRO A 57 -9.22 -5.77 22.53
CA PRO A 57 -7.96 -6.50 22.38
C PRO A 57 -8.11 -7.72 21.44
N LEU A 58 -7.04 -8.49 21.30
CA LEU A 58 -7.00 -9.69 20.51
C LEU A 58 -6.95 -10.86 21.51
N GLN A 59 -8.09 -11.53 21.74
CA GLN A 59 -8.11 -12.71 22.62
C GLN A 59 -7.57 -13.89 21.79
N LEU A 60 -6.60 -14.63 22.34
CA LEU A 60 -5.97 -15.75 21.63
C LEU A 60 -6.41 -17.14 22.15
N GLY A 61 -7.31 -17.17 23.12
CA GLY A 61 -7.77 -18.39 23.74
C GLY A 61 -6.63 -19.18 24.35
N ASN A 62 -6.43 -20.41 23.83
CA ASN A 62 -5.39 -21.35 24.29
C ASN A 62 -4.10 -21.26 23.46
N CYS A 63 -4.05 -20.27 22.56
CA CYS A 63 -2.90 -20.02 21.71
C CYS A 63 -1.97 -18.93 22.24
N SER A 64 -0.69 -19.07 21.90
CA SER A 64 0.35 -18.10 22.17
C SER A 64 0.51 -17.26 20.90
N VAL A 65 1.17 -16.09 21.01
CA VAL A 65 1.43 -15.22 19.86
C VAL A 65 2.01 -16.05 18.70
N ALA A 66 2.99 -16.95 19.01
CA ALA A 66 3.63 -17.87 18.06
C ALA A 66 2.59 -18.76 17.34
N GLY A 67 1.73 -19.42 18.12
CA GLY A 67 0.68 -20.30 17.61
C GLY A 67 -0.26 -19.61 16.67
N TRP A 68 -0.79 -18.45 17.13
CA TRP A 68 -1.68 -17.62 16.33
C TRP A 68 -1.00 -17.10 15.03
N ILE A 69 0.19 -16.45 15.15
CA ILE A 69 0.93 -15.89 14.03
C ILE A 69 1.42 -16.94 13.03
N LEU A 70 1.90 -18.11 13.49
CA LEU A 70 2.36 -19.18 12.59
C LEU A 70 1.18 -19.93 11.95
N GLY A 71 0.03 -19.89 12.60
CA GLY A 71 -1.16 -20.55 12.10
C GLY A 71 -1.26 -21.98 12.54
N ASN A 72 -0.96 -22.24 13.83
CA ASN A 72 -1.02 -23.57 14.44
C ASN A 72 -2.41 -24.11 14.16
N PRO A 73 -2.56 -25.39 13.73
CA PRO A 73 -3.90 -25.88 13.34
C PRO A 73 -5.01 -25.79 14.40
N GLU A 74 -4.65 -25.58 15.68
CA GLU A 74 -5.61 -25.43 16.78
C GLU A 74 -6.00 -23.97 17.01
N CYS A 75 -5.36 -23.06 16.26
CA CYS A 75 -5.56 -21.61 16.31
C CYS A 75 -6.22 -21.21 15.01
N GLU A 76 -7.22 -20.33 15.07
CA GLU A 76 -7.91 -19.86 13.87
C GLU A 76 -8.64 -18.53 14.13
N LEU A 77 -9.38 -18.49 15.26
CA LEU A 77 -10.18 -17.37 15.78
C LEU A 77 -11.14 -16.81 14.68
N LEU A 78 -11.84 -17.77 13.98
CA LEU A 78 -12.84 -17.69 12.87
C LEU A 78 -12.55 -16.51 11.90
N ILE A 79 -13.59 -15.72 11.50
CA ILE A 79 -13.42 -14.53 10.65
C ILE A 79 -12.76 -13.51 11.63
N SER A 80 -11.43 -13.33 11.44
CA SER A 80 -10.45 -12.60 12.27
C SER A 80 -10.53 -11.06 12.23
N ARG A 81 -9.90 -10.43 13.27
CA ARG A 81 -9.80 -8.99 13.53
C ARG A 81 -8.77 -8.28 12.64
N GLU A 82 -8.94 -6.98 12.42
CA GLU A 82 -8.04 -6.19 11.57
C GLU A 82 -7.40 -4.99 12.30
N SER A 83 -7.61 -4.90 13.63
CA SER A 83 -7.05 -3.88 14.53
C SER A 83 -7.30 -4.29 15.97
N TRP A 84 -6.34 -4.02 16.86
CA TRP A 84 -6.44 -4.34 18.29
C TRP A 84 -5.58 -3.41 19.11
N SER A 85 -6.04 -3.09 20.32
CA SER A 85 -5.42 -2.12 21.24
C SER A 85 -4.34 -2.71 22.13
N TYR A 86 -4.43 -4.03 22.40
CA TYR A 86 -3.53 -4.85 23.19
C TYR A 86 -3.80 -6.35 22.90
N ILE A 87 -3.01 -7.27 23.47
CA ILE A 87 -3.20 -8.70 23.23
C ILE A 87 -3.53 -9.42 24.54
N VAL A 88 -4.47 -10.39 24.46
CA VAL A 88 -4.81 -11.22 25.62
C VAL A 88 -4.42 -12.67 25.36
N GLU A 89 -3.50 -13.15 26.19
CA GLU A 89 -2.90 -14.48 26.18
C GLU A 89 -3.11 -15.04 27.55
N LYS A 90 -3.19 -16.36 27.67
CA LYS A 90 -3.34 -17.07 28.94
C LYS A 90 -1.96 -17.19 29.65
N PRO A 91 -1.91 -17.20 31.02
CA PRO A 91 -0.60 -17.37 31.71
C PRO A 91 0.33 -18.42 31.10
N ASN A 92 -0.27 -19.55 30.64
CA ASN A 92 0.44 -20.65 29.98
C ASN A 92 -0.43 -21.16 28.84
N PRO A 93 -0.29 -20.64 27.58
CA PRO A 93 -1.11 -21.16 26.48
C PRO A 93 -0.62 -22.54 26.17
N GLU A 94 -1.51 -23.38 25.70
CA GLU A 94 -1.19 -24.77 25.38
C GLU A 94 -0.95 -25.01 23.89
N ASN A 95 -1.22 -24.00 23.03
CA ASN A 95 -1.01 -24.09 21.58
C ASN A 95 -0.03 -23.03 21.01
N GLY A 96 1.18 -23.48 20.69
CA GLY A 96 2.24 -22.62 20.17
C GLY A 96 2.93 -23.20 18.97
N THR A 97 4.22 -23.53 19.11
CA THR A 97 4.98 -24.12 17.99
C THR A 97 4.82 -25.63 18.12
N CYS A 98 3.78 -26.16 17.44
CA CYS A 98 3.44 -27.57 17.47
C CYS A 98 4.62 -28.43 16.97
N TYR A 99 5.37 -27.94 15.98
CA TYR A 99 6.56 -28.63 15.53
C TYR A 99 7.71 -27.89 16.24
N PRO A 100 8.57 -28.60 17.04
CA PRO A 100 9.63 -27.91 17.81
C PRO A 100 10.72 -27.17 17.03
N GLY A 101 11.29 -26.17 17.70
CA GLY A 101 12.40 -25.35 17.21
C GLY A 101 12.49 -23.99 17.85
N HIS A 102 13.44 -23.18 17.38
CA HIS A 102 13.64 -21.84 17.88
C HIS A 102 12.93 -20.78 17.07
N PHE A 103 12.15 -19.94 17.78
CA PHE A 103 11.48 -18.78 17.21
C PHE A 103 12.44 -17.62 17.43
N ALA A 104 13.01 -17.09 16.36
CA ALA A 104 13.94 -15.96 16.43
C ALA A 104 13.24 -14.71 16.85
N ASP A 105 13.95 -13.87 17.64
CA ASP A 105 13.50 -12.61 18.19
C ASP A 105 11.99 -12.61 18.55
N TYR A 106 11.56 -13.63 19.31
CA TYR A 106 10.16 -13.80 19.67
C TYR A 106 9.64 -12.68 20.57
N GLU A 107 10.33 -12.35 21.66
CA GLU A 107 9.90 -11.26 22.54
C GLU A 107 9.80 -9.94 21.77
N GLU A 108 10.69 -9.72 20.76
CA GLU A 108 10.64 -8.52 19.89
C GLU A 108 9.35 -8.48 19.04
N LEU A 109 9.00 -9.63 18.40
CA LEU A 109 7.80 -9.73 17.59
C LEU A 109 6.57 -9.51 18.43
N ARG A 110 6.54 -10.13 19.59
CA ARG A 110 5.44 -9.98 20.53
C ARG A 110 5.18 -8.49 20.83
N GLU A 111 6.24 -7.71 21.10
CA GLU A 111 6.21 -6.26 21.39
C GLU A 111 5.71 -5.43 20.17
N GLN A 112 6.18 -5.79 18.97
CA GLN A 112 5.88 -5.09 17.76
C GLN A 112 4.45 -5.36 17.30
N LEU A 113 3.90 -6.53 17.68
CA LEU A 113 2.54 -6.92 17.34
C LEU A 113 1.49 -6.54 18.40
N SER A 114 1.92 -5.94 19.54
CA SER A 114 1.04 -5.55 20.68
C SER A 114 -0.24 -4.78 20.30
N SER A 115 -0.09 -3.66 19.61
CA SER A 115 -1.14 -2.82 19.05
C SER A 115 -0.86 -2.73 17.56
N VAL A 116 -1.91 -2.88 16.78
CA VAL A 116 -1.91 -2.90 15.34
C VAL A 116 -3.17 -2.17 14.90
N SER A 117 -3.02 -1.14 14.03
CA SER A 117 -4.13 -0.29 13.59
C SER A 117 -4.82 -0.80 12.31
N SER A 118 -4.07 -1.53 11.48
CA SER A 118 -4.54 -2.14 10.25
C SER A 118 -3.83 -3.51 10.16
N PHE A 119 -4.53 -4.57 9.69
CA PHE A 119 -3.95 -5.92 9.63
C PHE A 119 -4.65 -6.79 8.60
N GLU A 120 -3.94 -7.21 7.52
CA GLU A 120 -4.57 -8.10 6.54
C GLU A 120 -3.68 -9.29 6.08
N ARG A 121 -4.20 -10.51 6.31
CA ARG A 121 -3.58 -11.75 5.89
C ARG A 121 -3.74 -11.84 4.38
N PHE A 122 -2.67 -12.19 3.69
CA PHE A 122 -2.74 -12.37 2.26
C PHE A 122 -1.81 -13.54 1.92
N GLU A 123 -2.24 -14.40 0.99
CA GLU A 123 -1.47 -15.57 0.58
C GLU A 123 -0.27 -15.19 -0.26
N ILE A 124 0.79 -14.66 0.41
CA ILE A 124 2.04 -14.18 -0.20
C ILE A 124 2.45 -15.07 -1.38
N PHE A 125 2.54 -16.41 -1.16
CA PHE A 125 2.85 -17.42 -2.19
C PHE A 125 1.76 -18.50 -2.15
N PRO A 126 0.73 -18.41 -3.03
CA PRO A 126 -0.38 -19.37 -2.95
C PRO A 126 0.11 -20.82 -3.04
N LYS A 127 -0.33 -21.65 -2.04
CA LYS A 127 0.00 -23.06 -1.90
C LYS A 127 -0.34 -23.85 -3.16
N GLU A 128 -1.60 -23.77 -3.59
CA GLU A 128 -2.15 -24.50 -4.73
C GLU A 128 -1.45 -24.31 -6.08
N SER A 129 -0.73 -23.20 -6.27
CA SER A 129 -0.09 -22.92 -7.55
C SER A 129 1.40 -22.56 -7.57
N SER A 130 2.02 -22.13 -6.43
CA SER A 130 3.39 -21.60 -6.45
C SER A 130 4.52 -22.61 -6.67
N TRP A 131 4.30 -23.90 -6.33
CA TRP A 131 5.39 -24.89 -6.35
C TRP A 131 5.04 -26.12 -7.21
N PRO A 132 5.02 -25.94 -8.55
CA PRO A 132 4.64 -27.06 -9.43
C PRO A 132 5.58 -28.26 -9.42
N ASN A 133 6.88 -28.02 -9.22
CA ASN A 133 7.87 -29.08 -9.21
C ASN A 133 8.41 -29.43 -7.80
N HIS A 134 7.56 -29.24 -6.78
CA HIS A 134 7.81 -29.60 -5.37
C HIS A 134 6.52 -30.16 -4.78
N THR A 135 6.67 -30.93 -3.70
CA THR A 135 5.54 -31.50 -2.96
C THR A 135 5.28 -30.55 -1.81
N THR A 136 4.01 -30.33 -1.52
CA THR A 136 3.58 -29.36 -0.52
C THR A 136 2.57 -29.98 0.41
N THR A 137 2.51 -31.30 0.44
CA THR A 137 1.60 -32.12 1.20
C THR A 137 2.08 -32.35 2.65
N GLY A 138 3.38 -32.05 2.89
CA GLY A 138 4.08 -32.23 4.16
C GLY A 138 3.29 -31.79 5.37
N VAL A 139 3.00 -32.76 6.27
CA VAL A 139 2.25 -32.59 7.53
C VAL A 139 2.94 -33.31 8.70
N SER A 140 2.55 -33.03 9.96
CA SER A 140 3.21 -33.66 11.10
C SER A 140 2.25 -34.10 12.19
N ALA A 141 2.60 -35.24 12.81
CA ALA A 141 1.87 -35.87 13.90
C ALA A 141 1.81 -34.95 15.11
N SER A 142 2.82 -34.02 15.22
CA SER A 142 3.00 -33.05 16.29
C SER A 142 2.15 -31.82 16.03
N CYS A 143 1.70 -31.65 14.78
CA CYS A 143 0.85 -30.55 14.33
C CYS A 143 -0.50 -31.10 13.90
N SER A 144 -1.09 -31.96 14.72
CA SER A 144 -2.37 -32.58 14.39
C SER A 144 -3.60 -31.71 14.58
N HIS A 145 -4.54 -31.85 13.65
CA HIS A 145 -5.86 -31.22 13.73
C HIS A 145 -6.88 -32.31 13.69
N ASN A 146 -7.69 -32.32 14.76
CA ASN A 146 -8.65 -33.36 15.07
C ASN A 146 -7.79 -34.63 15.27
N GLY A 147 -7.99 -35.66 14.44
CA GLY A 147 -7.16 -36.86 14.55
C GLY A 147 -6.18 -37.05 13.41
N GLU A 148 -5.84 -35.95 12.69
CA GLU A 148 -4.96 -36.08 11.52
C GLU A 148 -3.78 -35.12 11.50
N SER A 149 -2.60 -35.63 11.05
CA SER A 149 -1.38 -34.87 10.88
C SER A 149 -1.72 -33.76 9.91
N SER A 150 -1.57 -32.52 10.40
CA SER A 150 -1.83 -31.28 9.68
C SER A 150 -0.51 -30.49 9.79
N PHE A 151 -0.52 -29.18 9.48
CA PHE A 151 0.64 -28.27 9.56
C PHE A 151 0.15 -26.84 9.84
N TYR A 152 1.06 -25.85 9.86
CA TYR A 152 0.74 -24.42 10.08
C TYR A 152 0.02 -23.85 8.85
N LYS A 153 -1.05 -23.04 9.03
CA LYS A 153 -1.74 -22.47 7.86
C LYS A 153 -0.90 -21.44 7.15
N ASN A 154 -0.06 -20.73 7.89
CA ASN A 154 0.71 -19.66 7.30
C ASN A 154 2.04 -20.09 6.69
N LEU A 155 2.42 -21.37 6.80
CA LEU A 155 3.67 -21.86 6.18
C LEU A 155 3.46 -23.14 5.34
N LEU A 156 4.38 -23.42 4.44
CA LEU A 156 4.30 -24.60 3.58
C LEU A 156 5.56 -25.44 3.66
N TRP A 157 5.37 -26.76 3.84
CA TRP A 157 6.47 -27.70 3.89
C TRP A 157 6.80 -28.20 2.49
N LEU A 158 7.89 -27.70 1.93
CA LEU A 158 8.33 -28.10 0.59
C LEU A 158 9.34 -29.22 0.72
N THR A 159 9.03 -30.35 0.07
CA THR A 159 9.84 -31.56 -0.04
C THR A 159 9.95 -31.95 -1.51
N GLY A 160 10.81 -32.92 -1.81
CA GLY A 160 11.01 -33.41 -3.18
C GLY A 160 9.77 -33.89 -3.93
N LYS A 161 9.88 -33.96 -5.26
CA LYS A 161 8.81 -34.42 -6.17
C LYS A 161 9.48 -35.17 -7.29
N ASN A 162 8.97 -36.39 -7.61
CA ASN A 162 9.51 -37.25 -8.67
C ASN A 162 11.07 -37.47 -8.57
N GLY A 163 11.56 -37.66 -7.34
CA GLY A 163 12.97 -37.92 -7.06
C GLY A 163 13.94 -36.77 -7.02
N LEU A 164 13.42 -35.52 -7.07
CA LEU A 164 14.25 -34.32 -7.07
C LEU A 164 13.65 -33.24 -6.21
N TYR A 165 14.48 -32.25 -5.80
CA TYR A 165 14.06 -31.03 -5.11
C TYR A 165 14.77 -29.95 -5.89
N PRO A 166 14.14 -29.45 -6.97
CA PRO A 166 14.78 -28.40 -7.77
C PRO A 166 14.97 -27.12 -6.98
N ASN A 167 15.95 -26.32 -7.41
CA ASN A 167 16.24 -25.01 -6.86
C ASN A 167 14.99 -24.16 -6.97
N LEU A 168 14.74 -23.33 -5.97
CA LEU A 168 13.63 -22.39 -6.01
C LEU A 168 14.17 -20.98 -5.89
N SER A 169 13.41 -20.02 -6.40
CA SER A 169 13.72 -18.58 -6.42
C SER A 169 12.37 -17.89 -6.51
N LYS A 170 11.91 -17.27 -5.41
CA LYS A 170 10.63 -16.56 -5.36
C LYS A 170 10.76 -15.27 -4.59
N SER A 171 10.63 -14.16 -5.32
CA SER A 171 10.70 -12.83 -4.79
C SER A 171 9.28 -12.31 -4.51
N TYR A 172 9.14 -11.23 -3.72
CA TYR A 172 7.86 -10.59 -3.44
C TYR A 172 8.06 -9.07 -3.28
N ALA A 173 7.54 -8.26 -4.21
CA ALA A 173 7.59 -6.79 -4.12
C ALA A 173 6.40 -6.31 -3.27
N ASN A 174 6.69 -5.61 -2.15
CA ASN A 174 5.66 -5.05 -1.24
C ASN A 174 4.77 -3.97 -1.88
N ASN A 175 3.61 -4.40 -2.39
CA ASN A 175 2.64 -3.51 -3.04
C ASN A 175 1.50 -3.01 -2.09
N LYS A 176 1.70 -3.14 -0.78
CA LYS A 176 0.69 -2.86 0.25
C LYS A 176 0.68 -1.44 0.87
N GLU A 177 1.74 -0.65 0.65
CA GLU A 177 1.88 0.69 1.26
C GLU A 177 1.89 0.62 2.84
N LYS A 178 2.09 -0.58 3.36
CA LYS A 178 2.15 -0.93 4.76
C LYS A 178 3.33 -1.91 4.94
N GLU A 179 3.76 -2.12 6.19
CA GLU A 179 4.78 -3.12 6.50
C GLU A 179 4.18 -4.49 6.25
N VAL A 180 4.97 -5.42 5.73
CA VAL A 180 4.46 -6.78 5.54
C VAL A 180 5.29 -7.70 6.42
N LEU A 181 4.64 -8.37 7.40
CA LEU A 181 5.31 -9.35 8.27
C LEU A 181 5.44 -10.62 7.47
N VAL A 182 6.68 -10.98 7.09
CA VAL A 182 6.96 -12.21 6.33
C VAL A 182 7.59 -13.20 7.27
N LEU A 183 6.98 -14.37 7.40
CA LEU A 183 7.47 -15.42 8.29
C LEU A 183 7.84 -16.67 7.51
N TRP A 184 9.01 -17.26 7.79
CA TRP A 184 9.42 -18.55 7.22
C TRP A 184 10.03 -19.45 8.30
N GLY A 185 10.44 -20.65 7.90
CA GLY A 185 11.11 -21.62 8.75
C GLY A 185 12.21 -22.34 8.00
N VAL A 186 13.18 -22.90 8.75
CA VAL A 186 14.25 -23.75 8.22
C VAL A 186 14.14 -25.10 8.93
N HIS A 187 13.97 -26.19 8.18
CA HIS A 187 13.91 -27.57 8.72
C HIS A 187 15.33 -28.10 8.89
N HIS A 188 15.59 -28.78 10.03
CA HIS A 188 16.87 -29.35 10.43
C HIS A 188 16.62 -30.81 10.72
N PRO A 189 16.89 -31.72 9.78
CA PRO A 189 16.59 -33.14 10.04
C PRO A 189 17.48 -33.81 11.10
N PRO A 190 16.99 -34.92 11.74
CA PRO A 190 17.82 -35.62 12.74
C PRO A 190 18.96 -36.47 12.18
N ASN A 191 18.86 -36.90 10.92
CA ASN A 191 19.86 -37.75 10.27
C ASN A 191 20.06 -37.40 8.78
N ILE A 192 21.21 -37.81 8.20
CA ILE A 192 21.55 -37.54 6.80
C ILE A 192 20.63 -38.29 5.83
N GLY A 193 20.02 -39.36 6.32
CA GLY A 193 19.11 -40.17 5.52
C GLY A 193 17.90 -39.37 5.14
N ASP A 194 17.25 -38.79 6.15
CA ASP A 194 16.08 -37.92 6.04
C ASP A 194 16.39 -36.70 5.18
N GLN A 195 17.59 -36.09 5.38
CA GLN A 195 18.04 -34.92 4.63
C GLN A 195 18.00 -35.22 3.13
N ARG A 196 18.64 -36.35 2.77
CA ARG A 196 18.73 -36.88 1.42
C ARG A 196 17.34 -37.30 0.91
N ALA A 197 16.51 -37.94 1.74
CA ALA A 197 15.17 -38.41 1.40
C ALA A 197 14.21 -37.31 1.02
N LEU A 198 14.26 -36.20 1.76
CA LEU A 198 13.36 -35.07 1.62
C LEU A 198 13.87 -34.02 0.67
N TYR A 199 15.20 -33.72 0.69
CA TYR A 199 15.70 -32.61 -0.11
C TYR A 199 16.68 -32.99 -1.19
N HIS A 200 17.10 -34.28 -1.24
CA HIS A 200 18.02 -34.81 -2.27
C HIS A 200 19.31 -34.01 -2.43
N THR A 201 19.83 -33.49 -1.30
CA THR A 201 21.08 -32.75 -1.21
C THR A 201 21.65 -32.93 0.21
N GLU A 202 22.97 -32.83 0.33
CA GLU A 202 23.71 -32.86 1.58
C GLU A 202 24.34 -31.50 1.73
N ASN A 203 24.30 -30.69 0.66
CA ASN A 203 24.83 -29.33 0.63
C ASN A 203 23.69 -28.33 0.42
N ALA A 204 22.75 -28.29 1.39
CA ALA A 204 21.58 -27.40 1.33
C ALA A 204 21.84 -25.95 1.80
N TYR A 205 21.01 -25.00 1.29
CA TYR A 205 21.04 -23.58 1.61
C TYR A 205 19.63 -22.99 1.53
N VAL A 206 19.42 -21.91 2.28
CA VAL A 206 18.21 -21.14 2.23
C VAL A 206 18.68 -19.71 2.31
N SER A 207 18.61 -18.94 1.21
CA SER A 207 18.96 -17.51 1.28
C SER A 207 17.66 -16.72 1.42
N VAL A 208 17.65 -15.65 2.22
CA VAL A 208 16.51 -14.76 2.38
C VAL A 208 17.09 -13.37 2.42
N VAL A 209 16.82 -12.53 1.41
CA VAL A 209 17.38 -11.16 1.36
C VAL A 209 16.36 -10.08 0.94
N SER A 210 16.43 -8.93 1.62
CA SER A 210 15.65 -7.73 1.32
C SER A 210 16.68 -6.61 1.27
N SER A 211 16.23 -5.36 1.31
CA SER A 211 17.16 -4.24 1.31
C SER A 211 17.70 -4.01 2.75
N HIS A 212 17.08 -4.69 3.72
CA HIS A 212 17.39 -4.57 5.14
C HIS A 212 17.47 -5.91 5.88
N TYR A 213 17.64 -7.00 5.15
CA TYR A 213 17.78 -8.30 5.75
C TYR A 213 18.58 -9.13 4.77
N SER A 214 19.50 -9.92 5.28
CA SER A 214 20.27 -10.83 4.46
C SER A 214 20.83 -11.88 5.37
N ARG A 215 20.27 -13.09 5.30
CA ARG A 215 20.74 -14.22 6.07
C ARG A 215 20.73 -15.45 5.17
N LYS A 216 21.83 -16.25 5.18
CA LYS A 216 21.96 -17.54 4.45
C LYS A 216 21.88 -18.66 5.51
N PHE A 217 20.91 -19.56 5.43
CA PHE A 217 20.72 -20.63 6.42
C PHE A 217 21.15 -21.96 5.85
N THR A 218 22.06 -22.64 6.54
CA THR A 218 22.45 -24.00 6.14
C THR A 218 21.91 -24.91 7.23
N PRO A 219 21.25 -26.03 6.86
CA PRO A 219 20.73 -26.93 7.89
C PRO A 219 21.83 -27.67 8.67
N GLU A 220 21.61 -27.86 9.97
CA GLU A 220 22.55 -28.60 10.80
C GLU A 220 21.83 -29.81 11.35
N ILE A 221 22.25 -30.99 10.92
CA ILE A 221 21.68 -32.30 11.27
C ILE A 221 22.34 -32.80 12.59
N ALA A 222 21.51 -33.30 13.54
CA ALA A 222 22.04 -33.78 14.82
C ALA A 222 21.07 -34.66 15.56
N LYS A 223 21.63 -35.47 16.51
CA LYS A 223 20.85 -36.33 17.42
C LYS A 223 20.31 -35.37 18.49
N ARG A 224 18.97 -35.26 18.61
CA ARG A 224 18.35 -34.31 19.55
C ARG A 224 17.33 -34.95 20.48
N PRO A 225 17.17 -34.45 21.73
CA PRO A 225 16.10 -35.00 22.58
C PRO A 225 14.75 -34.77 21.89
N LYS A 226 13.86 -35.75 21.90
CA LYS A 226 12.54 -35.59 21.29
C LYS A 226 11.71 -34.54 22.03
N VAL A 227 11.03 -33.66 21.27
CA VAL A 227 10.11 -32.61 21.78
C VAL A 227 8.86 -32.77 20.91
N ARG A 228 7.69 -33.04 21.54
CA ARG A 228 6.43 -33.33 20.83
C ARG A 228 6.60 -34.52 19.85
N ASP A 229 7.49 -35.49 20.25
CA ASP A 229 7.87 -36.74 19.56
C ASP A 229 8.85 -36.51 18.38
N ARG A 230 9.37 -35.28 18.23
CA ARG A 230 10.37 -34.99 17.18
C ARG A 230 11.80 -34.87 17.66
N GLU A 231 12.72 -35.51 16.91
CA GLU A 231 14.16 -35.36 17.04
C GLU A 231 14.52 -34.14 16.16
N GLY A 232 13.78 -33.96 15.06
CA GLY A 232 13.94 -32.86 14.11
C GLY A 232 13.49 -31.51 14.65
N ARG A 233 13.93 -30.42 13.97
CA ARG A 233 13.61 -29.04 14.35
C ARG A 233 13.34 -28.12 13.19
N ILE A 234 12.44 -27.15 13.41
CA ILE A 234 12.08 -26.07 12.47
C ILE A 234 12.34 -24.76 13.21
N ASN A 235 13.31 -24.00 12.75
CA ASN A 235 13.63 -22.72 13.33
C ASN A 235 12.84 -21.66 12.58
N TYR A 236 12.09 -20.82 13.33
CA TYR A 236 11.19 -19.79 12.80
C TYR A 236 11.86 -18.47 12.71
N TYR A 237 11.67 -17.82 11.57
CA TYR A 237 12.25 -16.52 11.25
C TYR A 237 11.19 -15.59 10.73
N TRP A 238 11.44 -14.30 10.89
CA TRP A 238 10.56 -13.25 10.43
C TRP A 238 11.34 -11.98 10.10
N THR A 239 10.68 -11.10 9.36
CA THR A 239 11.15 -9.77 9.01
C THR A 239 9.91 -8.90 8.72
N LEU A 240 10.00 -7.59 9.02
CA LEU A 240 8.93 -6.66 8.69
C LEU A 240 9.38 -5.94 7.43
N LEU A 241 8.93 -6.44 6.24
CA LEU A 241 9.28 -5.91 4.93
C LEU A 241 8.63 -4.54 4.75
N GLU A 242 9.46 -3.54 4.54
CA GLU A 242 9.14 -2.13 4.40
C GLU A 242 8.34 -1.85 3.15
N PRO A 243 7.42 -0.83 3.16
CA PRO A 243 6.66 -0.53 1.94
C PRO A 243 7.58 -0.28 0.75
N GLY A 244 7.27 -0.95 -0.35
CA GLY A 244 8.02 -0.81 -1.58
C GLY A 244 9.22 -1.72 -1.78
N ASP A 245 9.60 -2.45 -0.72
CA ASP A 245 10.74 -3.34 -0.78
C ASP A 245 10.40 -4.74 -1.30
N THR A 246 11.41 -5.42 -1.91
CA THR A 246 11.36 -6.79 -2.40
C THR A 246 12.13 -7.69 -1.45
N ILE A 247 11.60 -8.90 -1.23
CA ILE A 247 12.23 -9.99 -0.48
C ILE A 247 12.41 -11.18 -1.44
N ILE A 248 13.61 -11.79 -1.46
CA ILE A 248 13.91 -12.94 -2.30
C ILE A 248 14.20 -14.13 -1.45
N PHE A 249 13.53 -15.25 -1.75
CA PHE A 249 13.75 -16.57 -1.16
C PHE A 249 14.36 -17.41 -2.26
N GLU A 250 15.40 -18.17 -1.91
CA GLU A 250 16.15 -18.98 -2.84
C GLU A 250 16.63 -20.18 -2.07
N ALA A 251 16.27 -21.40 -2.48
CA ALA A 251 16.67 -22.59 -1.74
C ALA A 251 16.81 -23.81 -2.61
N ASN A 252 17.59 -24.80 -2.13
CA ASN A 252 17.75 -26.10 -2.77
C ASN A 252 17.29 -27.24 -1.85
N GLY A 253 16.77 -26.88 -0.67
CA GLY A 253 16.22 -27.76 0.36
C GLY A 253 15.92 -27.03 1.66
N ASN A 254 15.21 -27.69 2.58
CA ASN A 254 14.94 -27.30 3.99
C ASN A 254 14.08 -26.03 4.26
N LEU A 255 13.62 -25.34 3.21
CA LEU A 255 12.76 -24.17 3.37
C LEU A 255 11.33 -24.53 3.71
N ILE A 256 10.84 -23.96 4.81
CA ILE A 256 9.45 -24.04 5.18
C ILE A 256 8.95 -22.70 4.72
N ALA A 257 8.54 -22.70 3.45
CA ALA A 257 8.13 -21.55 2.66
C ALA A 257 7.03 -20.74 3.28
N PRO A 258 7.10 -19.39 3.22
CA PRO A 258 5.97 -18.58 3.70
C PRO A 258 4.76 -18.85 2.82
N ARG A 259 3.56 -19.02 3.39
CA ARG A 259 2.32 -19.21 2.63
C ARG A 259 1.50 -17.93 2.75
N TYR A 260 1.19 -17.53 3.99
CA TYR A 260 0.47 -16.32 4.27
C TYR A 260 1.38 -15.35 4.95
N ALA A 261 1.34 -14.07 4.51
CA ALA A 261 2.05 -12.94 5.10
C ALA A 261 0.97 -11.93 5.58
N PHE A 262 1.37 -10.86 6.31
CA PHE A 262 0.42 -9.91 6.86
C PHE A 262 0.81 -8.48 6.62
N ALA A 263 -0.09 -7.70 5.97
CA ALA A 263 0.12 -6.26 5.75
C ALA A 263 -0.40 -5.54 6.98
N LEU A 264 0.47 -4.82 7.67
CA LEU A 264 0.06 -4.18 8.91
C LEU A 264 0.49 -2.78 9.08
N SER A 265 -0.21 -2.08 9.98
CA SER A 265 0.16 -0.74 10.41
C SER A 265 0.27 -0.85 11.91
N ARG A 266 1.54 -0.80 12.40
CA ARG A 266 1.90 -0.93 13.82
C ARG A 266 1.35 0.25 14.61
N GLY A 267 0.63 -0.08 15.67
CA GLY A 267 0.00 0.90 16.56
C GLY A 267 0.95 1.65 17.45
N PHE A 268 0.36 2.44 18.37
CA PHE A 268 1.04 3.28 19.36
C PHE A 268 2.23 2.59 20.06
N GLY A 269 1.94 1.87 21.13
CA GLY A 269 2.90 1.15 21.94
C GLY A 269 2.16 0.46 23.05
N SER A 270 1.79 -0.80 22.80
CA SER A 270 1.02 -1.57 23.77
C SER A 270 1.81 -2.79 24.29
N GLY A 271 1.08 -3.78 24.78
CA GLY A 271 1.65 -4.99 25.33
C GLY A 271 0.63 -6.10 25.44
N ILE A 272 1.09 -7.22 25.99
CA ILE A 272 0.32 -8.44 26.17
C ILE A 272 -0.07 -8.55 27.62
N ILE A 273 -1.31 -9.02 27.88
CA ILE A 273 -1.81 -9.31 29.22
C ILE A 273 -2.11 -10.81 29.22
N ASN A 274 -1.65 -11.48 30.28
CA ASN A 274 -1.87 -12.89 30.52
C ASN A 274 -2.87 -12.95 31.64
N SER A 275 -4.13 -13.18 31.28
CA SER A 275 -5.21 -13.26 32.26
C SER A 275 -6.35 -14.15 31.82
N ASN A 276 -6.99 -14.84 32.81
CA ASN A 276 -8.12 -15.73 32.61
C ASN A 276 -9.44 -14.99 32.88
N ALA A 277 -9.37 -13.64 32.95
CA ALA A 277 -10.51 -12.74 33.16
C ALA A 277 -11.40 -12.72 31.92
N PRO A 278 -12.73 -12.59 32.06
CA PRO A 278 -13.59 -12.59 30.86
C PRO A 278 -13.47 -11.33 30.04
N MET A 279 -13.76 -11.44 28.75
CA MET A 279 -13.73 -10.28 27.84
C MET A 279 -15.09 -9.60 27.89
N ASP A 280 -15.10 -8.27 27.79
CA ASP A 280 -16.36 -7.54 27.85
C ASP A 280 -16.40 -6.30 27.01
N GLU A 281 -17.62 -5.95 26.64
CA GLU A 281 -18.03 -4.84 25.78
C GLU A 281 -17.72 -3.46 26.37
N CYS A 282 -17.38 -3.39 27.68
CA CYS A 282 -17.02 -2.18 28.44
C CYS A 282 -15.88 -1.37 27.79
N ASP A 283 -15.82 -0.06 28.03
CA ASP A 283 -14.73 0.77 27.51
C ASP A 283 -13.92 1.40 28.64
N ALA A 284 -12.58 1.36 28.53
CA ALA A 284 -11.67 1.88 29.54
C ALA A 284 -10.55 2.74 28.98
N LYS A 285 -9.77 3.31 29.90
CA LYS A 285 -8.62 4.14 29.59
C LYS A 285 -7.40 3.47 30.23
N CYS A 286 -7.67 2.52 31.15
CA CYS A 286 -6.67 1.81 31.92
C CYS A 286 -7.04 0.34 32.16
N GLN A 287 -6.21 -0.60 31.66
CA GLN A 287 -6.45 -2.03 31.79
C GLN A 287 -5.40 -2.72 32.65
N THR A 288 -5.85 -3.52 33.60
CA THR A 288 -5.08 -4.27 34.58
C THR A 288 -5.23 -5.73 34.22
N PRO A 289 -4.28 -6.62 34.63
CA PRO A 289 -4.46 -8.05 34.35
C PRO A 289 -5.75 -8.67 34.92
N GLN A 290 -6.26 -8.16 36.06
CA GLN A 290 -7.46 -8.69 36.70
C GLN A 290 -8.77 -7.98 36.34
N GLY A 291 -8.70 -6.86 35.62
CA GLY A 291 -9.86 -6.05 35.22
C GLY A 291 -9.49 -4.60 35.00
N ALA A 292 -10.37 -3.79 34.39
CA ALA A 292 -10.12 -2.36 34.11
C ALA A 292 -10.29 -1.49 35.36
N ILE A 293 -9.70 -0.29 35.37
CA ILE A 293 -9.63 0.67 36.48
C ILE A 293 -10.12 2.05 36.06
N ASN A 294 -10.70 2.80 37.04
CA ASN A 294 -11.14 4.18 36.80
C ASN A 294 -9.85 5.06 36.83
N SER A 295 -9.50 5.67 35.68
CA SER A 295 -8.28 6.45 35.49
C SER A 295 -8.32 7.91 35.97
N SER A 296 -9.46 8.40 36.48
CA SER A 296 -9.57 9.81 36.92
C SER A 296 -8.74 10.15 38.17
N LEU A 297 -8.54 9.19 39.09
CA LEU A 297 -7.73 9.41 40.29
C LEU A 297 -6.23 9.39 39.99
N PRO A 298 -5.36 10.08 40.78
CA PRO A 298 -3.91 10.08 40.47
C PRO A 298 -3.15 8.78 40.80
N PHE A 299 -3.72 7.91 41.66
CA PHE A 299 -3.07 6.70 42.15
C PHE A 299 -4.01 5.49 42.22
N GLN A 300 -3.42 4.28 42.16
CA GLN A 300 -4.09 3.00 42.25
C GLN A 300 -3.19 2.02 42.94
N ASN A 301 -3.76 1.06 43.68
CA ASN A 301 -2.97 0.02 44.33
C ASN A 301 -3.40 -1.39 43.84
N VAL A 302 -4.08 -1.41 42.67
CA VAL A 302 -4.59 -2.61 42.04
C VAL A 302 -3.46 -3.47 41.47
N HIS A 303 -2.77 -3.01 40.41
CA HIS A 303 -1.68 -3.79 39.83
C HIS A 303 -0.56 -2.92 39.29
N PRO A 304 0.71 -3.29 39.53
CA PRO A 304 1.83 -2.49 39.00
C PRO A 304 2.01 -2.52 37.48
N VAL A 305 1.69 -3.66 36.84
CA VAL A 305 1.84 -3.83 35.40
C VAL A 305 0.50 -3.67 34.70
N THR A 306 0.30 -2.46 34.14
CA THR A 306 -0.91 -2.01 33.45
C THR A 306 -0.64 -1.56 31.99
N ILE A 307 -1.74 -1.32 31.22
CA ILE A 307 -1.71 -0.80 29.83
C ILE A 307 -2.76 0.31 29.72
N GLY A 308 -2.31 1.51 29.38
CA GLY A 308 -3.19 2.67 29.23
C GLY A 308 -2.70 3.94 29.88
N GLU A 309 -3.64 4.89 30.01
CA GLU A 309 -3.46 6.18 30.67
C GLU A 309 -3.87 5.82 32.10
N CYS A 310 -2.89 5.44 32.92
CA CYS A 310 -3.16 4.88 34.24
C CYS A 310 -2.71 5.73 35.41
N PRO A 311 -3.46 5.63 36.54
CA PRO A 311 -2.98 6.22 37.79
C PRO A 311 -1.67 5.52 38.19
N LYS A 312 -0.81 6.21 38.94
CA LYS A 312 0.46 5.62 39.36
C LYS A 312 0.27 4.53 40.42
N TYR A 313 0.89 3.36 40.23
CA TYR A 313 0.78 2.29 41.22
C TYR A 313 1.51 2.66 42.51
N VAL A 314 0.88 2.39 43.65
CA VAL A 314 1.41 2.66 44.98
C VAL A 314 1.12 1.49 45.88
N ARG A 315 1.99 1.26 46.86
CA ARG A 315 1.88 0.16 47.81
C ARG A 315 0.86 0.45 48.93
N SER A 316 0.51 1.74 49.12
CA SER A 316 -0.47 2.32 50.05
C SER A 316 -1.79 1.53 50.12
N ALA A 317 -2.45 1.55 51.31
CA ALA A 317 -3.77 0.91 51.51
C ALA A 317 -4.88 1.97 51.45
N LYS A 318 -4.56 3.21 51.90
CA LYS A 318 -5.46 4.36 51.92
C LYS A 318 -4.69 5.60 51.51
N LEU A 319 -5.34 6.50 50.80
CA LEU A 319 -4.80 7.82 50.43
C LEU A 319 -5.99 8.76 50.37
N ARG A 320 -6.43 9.25 51.54
CA ARG A 320 -7.59 10.14 51.67
C ARG A 320 -7.22 11.52 52.16
N MET A 321 -7.67 12.50 51.38
CA MET A 321 -7.48 13.92 51.64
C MET A 321 -8.70 14.52 52.32
N VAL A 322 -8.51 15.19 53.47
CA VAL A 322 -9.60 15.86 54.17
C VAL A 322 -9.93 17.17 53.48
N THR A 323 -11.23 17.40 53.19
CA THR A 323 -11.72 18.64 52.60
C THR A 323 -12.38 19.50 53.69
N GLY A 324 -13.28 18.89 54.46
CA GLY A 324 -14.04 19.56 55.51
C GLY A 324 -13.28 19.75 56.80
N LEU A 325 -14.07 19.88 57.88
CA LEU A 325 -13.60 20.11 59.25
C LEU A 325 -13.59 18.79 60.05
N ARG A 326 -12.86 18.74 61.18
CA ARG A 326 -12.89 17.55 62.04
C ARG A 326 -14.35 17.34 62.45
N ASN A 327 -14.90 16.12 62.26
CA ASN A 327 -16.29 15.87 62.65
C ASN A 327 -16.33 15.64 64.15
N ILE A 328 -16.76 16.67 64.87
CA ILE A 328 -16.85 16.62 66.34
C ILE A 328 -18.29 17.09 66.70
N PRO A 329 -19.29 16.18 66.59
CA PRO A 329 -20.69 16.57 66.78
C PRO A 329 -21.33 16.25 68.15
N SER A 330 -20.50 15.89 69.17
CA SER A 330 -20.89 15.54 70.55
C SER A 330 -19.66 15.33 71.45
N ALA B 5 -9.10 26.66 68.88
CA ALA B 5 -10.39 26.93 68.24
C ALA B 5 -11.21 25.63 67.94
N ILE B 6 -10.99 24.92 66.77
CA ILE B 6 -11.67 23.64 66.42
C ILE B 6 -11.21 22.55 67.41
N ALA B 7 -12.15 22.07 68.28
CA ALA B 7 -11.92 21.13 69.41
C ALA B 7 -11.05 21.78 70.54
N GLY B 8 -10.82 23.09 70.39
CA GLY B 8 -10.06 23.94 71.31
C GLY B 8 -11.01 24.72 72.21
N PHE B 9 -11.06 26.08 72.05
CA PHE B 9 -11.97 26.88 72.87
C PHE B 9 -13.42 26.70 72.42
N ILE B 10 -13.66 26.43 71.12
CA ILE B 10 -15.00 26.08 70.64
C ILE B 10 -14.99 24.54 70.55
N GLU B 11 -15.45 23.85 71.63
CA GLU B 11 -15.38 22.39 71.83
C GLU B 11 -15.94 21.52 70.67
N GLY B 12 -17.12 21.82 70.15
CA GLY B 12 -17.71 21.00 69.09
C GLY B 12 -18.33 21.74 67.93
N GLY B 13 -18.97 20.96 67.06
CA GLY B 13 -19.63 21.42 65.85
C GLY B 13 -21.14 21.29 65.90
N TRP B 14 -21.79 22.05 65.05
CA TRP B 14 -23.23 22.12 64.97
C TRP B 14 -23.81 21.25 63.87
N THR B 15 -24.61 20.27 64.28
CA THR B 15 -25.34 19.45 63.32
C THR B 15 -26.54 20.30 62.78
N GLY B 16 -26.80 21.43 63.45
CA GLY B 16 -27.86 22.36 63.12
C GLY B 16 -27.54 23.26 61.96
N MET B 17 -26.24 23.55 61.75
CA MET B 17 -25.81 24.37 60.63
C MET B 17 -25.58 23.44 59.44
N VAL B 18 -26.44 23.53 58.42
CA VAL B 18 -26.33 22.66 57.23
C VAL B 18 -26.09 23.46 55.94
N ASP B 19 -26.05 24.81 56.06
CA ASP B 19 -25.85 25.74 54.96
C ASP B 19 -24.37 26.22 54.77
N GLY B 20 -23.43 25.66 55.54
CA GLY B 20 -22.02 26.04 55.44
C GLY B 20 -21.04 25.32 56.35
N TRP B 21 -19.77 25.79 56.35
CA TRP B 21 -18.66 25.24 57.14
C TRP B 21 -18.43 25.98 58.46
N TYR B 22 -18.42 27.32 58.41
CA TYR B 22 -18.30 28.21 59.58
C TYR B 22 -19.47 29.16 59.56
N GLY B 23 -20.00 29.47 60.75
CA GLY B 23 -21.15 30.37 60.87
C GLY B 23 -21.45 30.79 62.29
N TYR B 24 -22.72 31.12 62.55
CA TYR B 24 -23.19 31.66 63.84
C TYR B 24 -24.53 31.11 64.28
N HIS B 25 -24.80 31.23 65.59
CA HIS B 25 -26.07 30.90 66.21
C HIS B 25 -26.49 32.09 67.04
N HIS B 26 -27.63 32.69 66.65
CA HIS B 26 -28.23 33.85 67.31
C HIS B 26 -29.56 33.47 67.98
N GLN B 27 -29.86 34.13 69.10
CA GLN B 27 -31.12 34.00 69.83
C GLN B 27 -31.50 35.36 70.38
N ASN B 28 -32.73 35.81 70.08
CA ASN B 28 -33.23 37.10 70.53
C ASN B 28 -34.73 37.02 70.84
N GLU B 29 -35.41 38.19 70.92
CA GLU B 29 -36.85 38.27 71.18
C GLU B 29 -37.65 37.62 70.03
N GLN B 30 -37.15 37.77 68.79
CA GLN B 30 -37.77 37.22 67.57
C GLN B 30 -37.67 35.69 67.49
N GLY B 31 -36.51 35.15 67.83
CA GLY B 31 -36.24 33.72 67.80
C GLY B 31 -34.78 33.37 67.63
N SER B 32 -34.48 32.07 67.52
CA SER B 32 -33.12 31.58 67.36
C SER B 32 -32.88 31.03 65.95
N GLY B 33 -31.63 31.08 65.50
CA GLY B 33 -31.25 30.56 64.20
C GLY B 33 -29.80 30.23 64.00
N TYR B 34 -29.55 29.27 63.10
CA TYR B 34 -28.23 28.83 62.66
C TYR B 34 -27.98 29.46 61.28
N ALA B 35 -26.94 30.30 61.17
CA ALA B 35 -26.62 30.95 59.90
C ALA B 35 -25.13 30.83 59.57
N ALA B 36 -24.82 30.22 58.41
CA ALA B 36 -23.43 30.08 58.00
C ALA B 36 -22.93 31.36 57.36
N ASP B 37 -21.70 31.78 57.71
CA ASP B 37 -21.07 32.97 57.13
C ASP B 37 -20.65 32.58 55.71
N GLN B 38 -21.49 32.90 54.72
CA GLN B 38 -21.29 32.51 53.33
C GLN B 38 -20.03 33.08 52.63
N LYS B 39 -19.35 34.06 53.23
CA LYS B 39 -18.12 34.61 52.63
C LYS B 39 -16.90 33.80 53.02
N SER B 40 -16.72 33.48 54.33
CA SER B 40 -15.58 32.67 54.79
C SER B 40 -15.70 31.22 54.33
N THR B 41 -16.95 30.71 54.29
CA THR B 41 -17.32 29.37 53.83
C THR B 41 -16.95 29.21 52.36
N GLN B 42 -17.40 30.16 51.49
CA GLN B 42 -17.10 30.08 50.06
C GLN B 42 -15.62 30.13 49.76
N ASN B 43 -14.88 31.07 50.38
CA ASN B 43 -13.42 31.18 50.19
C ASN B 43 -12.67 29.92 50.66
N ALA B 44 -13.23 29.22 51.66
CA ALA B 44 -12.64 27.98 52.15
C ALA B 44 -12.99 26.86 51.16
N ILE B 45 -14.25 26.80 50.69
CA ILE B 45 -14.67 25.80 49.71
C ILE B 45 -13.84 25.94 48.44
N ASN B 46 -13.77 27.15 47.85
CA ASN B 46 -12.96 27.38 46.65
C ASN B 46 -11.50 26.98 46.84
N GLY B 47 -10.89 27.45 47.93
CA GLY B 47 -9.48 27.21 48.26
C GLY B 47 -9.10 25.75 48.37
N ILE B 48 -9.87 24.98 49.15
CA ILE B 48 -9.66 23.54 49.35
C ILE B 48 -9.83 22.79 48.01
N THR B 49 -10.90 23.08 47.27
CA THR B 49 -11.19 22.51 45.95
C THR B 49 -9.95 22.63 45.06
N ASN B 50 -9.32 23.84 45.08
CA ASN B 50 -8.11 24.16 44.33
C ASN B 50 -6.96 23.25 44.72
N LYS B 51 -6.72 23.07 46.03
CA LYS B 51 -5.72 22.17 46.59
C LYS B 51 -5.94 20.75 46.03
N VAL B 52 -7.17 20.25 46.13
CA VAL B 52 -7.57 18.92 45.66
C VAL B 52 -7.34 18.78 44.15
N ASN B 53 -7.88 19.70 43.33
CA ASN B 53 -7.71 19.69 41.87
C ASN B 53 -6.27 19.65 41.51
N SER B 54 -5.44 20.48 42.18
CA SER B 54 -4.00 20.51 41.97
C SER B 54 -3.42 19.10 42.22
N VAL B 55 -3.82 18.42 43.31
CA VAL B 55 -3.31 17.09 43.60
C VAL B 55 -3.74 16.05 42.53
N ILE B 56 -4.96 16.17 42.01
CA ILE B 56 -5.48 15.21 41.02
C ILE B 56 -5.08 15.53 39.57
N GLU B 57 -5.43 16.73 39.09
CA GLU B 57 -5.22 17.19 37.73
C GLU B 57 -3.77 17.34 37.34
N LYS B 58 -2.87 17.72 38.27
CA LYS B 58 -1.43 17.84 37.97
C LYS B 58 -0.84 16.49 37.52
N MET B 59 -1.44 15.38 37.96
CA MET B 59 -1.02 14.06 37.59
C MET B 59 -1.56 13.80 36.19
N ASN B 60 -0.74 14.12 35.19
CA ASN B 60 -1.15 13.81 33.82
C ASN B 60 -0.30 12.65 33.36
N THR B 61 -0.97 11.66 32.74
CA THR B 61 -0.32 10.46 32.25
C THR B 61 -0.67 10.19 30.80
N GLN B 62 0.38 9.84 30.04
CA GLN B 62 0.27 9.46 28.65
C GLN B 62 -0.01 7.95 28.58
N PHE B 63 -0.31 7.44 27.39
CA PHE B 63 -0.58 6.02 27.21
C PHE B 63 0.72 5.25 27.33
N THR B 64 0.75 4.24 28.22
CA THR B 64 1.94 3.42 28.40
C THR B 64 1.60 2.01 28.90
N ALA B 65 2.38 1.04 28.35
CA ALA B 65 2.38 -0.37 28.70
C ALA B 65 3.64 -0.61 29.52
N VAL B 66 3.48 -0.74 30.85
CA VAL B 66 4.56 -0.93 31.81
C VAL B 66 5.40 -2.19 31.51
N GLY B 67 4.72 -3.34 31.37
CA GLY B 67 5.31 -4.66 31.13
C GLY B 67 6.23 -4.80 29.95
N LYS B 68 7.32 -5.56 30.19
CA LYS B 68 8.39 -5.91 29.25
C LYS B 68 8.69 -7.40 29.42
N GLU B 69 8.79 -8.18 28.32
CA GLU B 69 9.12 -9.59 28.52
C GLU B 69 10.51 -9.93 27.94
N PHE B 70 11.31 -10.64 28.72
CA PHE B 70 12.70 -10.99 28.41
C PHE B 70 12.92 -12.48 28.30
N ASN B 71 14.02 -12.87 27.65
CA ASN B 71 14.34 -14.28 27.56
C ASN B 71 15.34 -14.69 28.67
N LYS B 72 15.63 -16.00 28.80
CA LYS B 72 16.49 -16.62 29.82
C LYS B 72 17.94 -16.13 29.74
N LEU B 73 18.30 -15.49 28.63
CA LEU B 73 19.64 -14.96 28.44
C LEU B 73 19.64 -13.43 28.52
N GLU B 74 18.55 -12.87 29.07
CA GLU B 74 18.33 -11.44 29.29
C GLU B 74 17.95 -11.16 30.77
N ARG B 75 18.61 -11.83 31.75
CA ARG B 75 18.33 -11.62 33.17
C ARG B 75 18.74 -10.24 33.65
N ARG B 76 19.83 -9.68 33.13
CA ARG B 76 20.24 -8.32 33.48
C ARG B 76 19.20 -7.27 33.06
N MET B 77 18.72 -7.33 31.82
CA MET B 77 17.71 -6.40 31.32
C MET B 77 16.42 -6.54 32.15
N GLU B 78 16.02 -7.80 32.40
CA GLU B 78 14.86 -8.14 33.22
C GLU B 78 14.92 -7.42 34.57
N ASN B 79 16.08 -7.50 35.25
CA ASN B 79 16.35 -6.88 36.53
C ASN B 79 16.46 -5.36 36.44
N LEU B 80 17.20 -4.82 35.42
CA LEU B 80 17.28 -3.38 35.11
C LEU B 80 15.84 -2.83 35.10
N ASN B 81 14.97 -3.50 34.32
CA ASN B 81 13.58 -3.15 34.19
C ASN B 81 12.84 -3.24 35.55
N LYS B 82 13.13 -4.25 36.39
CA LYS B 82 12.49 -4.35 37.72
C LYS B 82 12.90 -3.14 38.60
N LYS B 83 14.18 -2.76 38.53
CA LYS B 83 14.80 -1.65 39.24
C LYS B 83 14.07 -0.35 38.90
N VAL B 84 13.68 -0.19 37.62
CA VAL B 84 12.96 1.01 37.16
C VAL B 84 11.58 1.00 37.77
N ASP B 85 10.83 -0.07 37.49
CA ASP B 85 9.47 -0.22 37.96
C ASP B 85 9.38 -0.03 39.48
N ASP B 86 10.28 -0.65 40.24
CA ASP B 86 10.27 -0.55 41.69
C ASP B 86 10.72 0.78 42.22
N GLY B 87 11.70 1.40 41.58
CA GLY B 87 12.18 2.73 41.97
C GLY B 87 11.10 3.79 41.90
N PHE B 88 10.28 3.73 40.83
CA PHE B 88 9.17 4.64 40.62
C PHE B 88 8.05 4.37 41.64
N ILE B 89 7.78 3.08 41.97
CA ILE B 89 6.73 2.75 42.94
C ILE B 89 7.14 3.28 44.32
N ASP B 90 8.44 3.10 44.70
CA ASP B 90 9.05 3.56 45.92
C ASP B 90 8.87 5.04 46.08
N ILE B 91 9.18 5.83 45.03
CA ILE B 91 9.03 7.29 45.00
C ILE B 91 7.55 7.70 45.15
N TRP B 92 6.69 7.24 44.23
CA TRP B 92 5.28 7.62 44.30
C TRP B 92 4.65 7.21 45.63
N THR B 93 4.84 5.96 46.10
CA THR B 93 4.30 5.52 47.40
C THR B 93 4.78 6.44 48.57
N TYR B 94 6.08 6.81 48.62
CA TYR B 94 6.57 7.67 49.68
C TYR B 94 5.98 9.09 49.57
N ASN B 95 6.19 9.77 48.41
CA ASN B 95 5.69 11.11 48.09
C ASN B 95 4.20 11.25 48.35
N ALA B 96 3.39 10.35 47.74
CA ALA B 96 1.92 10.36 47.86
C ALA B 96 1.51 10.21 49.32
N GLU B 97 2.07 9.23 50.04
CA GLU B 97 1.71 9.02 51.44
C GLU B 97 2.04 10.23 52.28
N LEU B 98 3.25 10.78 52.09
CA LEU B 98 3.69 11.95 52.85
C LEU B 98 2.98 13.26 52.48
N LEU B 99 2.69 13.49 51.18
CA LEU B 99 1.97 14.70 50.74
C LEU B 99 0.63 14.80 51.41
N VAL B 100 -0.13 13.68 51.40
CA VAL B 100 -1.46 13.56 52.00
C VAL B 100 -1.36 13.83 53.50
N LEU B 101 -0.39 13.22 54.21
CA LEU B 101 -0.23 13.46 55.63
C LEU B 101 0.03 14.93 55.96
N LEU B 102 0.94 15.55 55.19
CA LEU B 102 1.31 16.96 55.38
C LEU B 102 0.17 17.94 55.08
N GLU B 103 -0.49 17.80 53.93
CA GLU B 103 -1.56 18.70 53.53
C GLU B 103 -2.91 18.43 54.20
N ASN B 104 -3.06 17.28 54.89
CA ASN B 104 -4.27 16.99 55.67
C ASN B 104 -4.15 17.80 56.95
N GLU B 105 -2.93 17.85 57.52
CA GLU B 105 -2.63 18.65 58.70
C GLU B 105 -2.83 20.13 58.32
N ARG B 106 -2.32 20.52 57.13
CA ARG B 106 -2.45 21.89 56.66
C ARG B 106 -3.91 22.29 56.49
N THR B 107 -4.75 21.44 55.86
CA THR B 107 -6.20 21.69 55.70
C THR B 107 -6.87 21.92 57.06
N LEU B 108 -6.61 21.02 58.03
CA LEU B 108 -7.18 21.08 59.37
C LEU B 108 -6.78 22.34 60.10
N ASP B 109 -5.53 22.77 59.91
CA ASP B 109 -5.00 23.98 60.50
C ASP B 109 -5.67 25.23 59.88
N PHE B 110 -5.93 25.17 58.58
CA PHE B 110 -6.57 26.22 57.81
C PHE B 110 -7.99 26.49 58.31
N HIS B 111 -8.80 25.44 58.57
CA HIS B 111 -10.17 25.61 59.09
C HIS B 111 -10.15 26.30 60.44
N ASP B 112 -9.24 25.85 61.33
CA ASP B 112 -9.02 26.38 62.67
C ASP B 112 -8.72 27.86 62.60
N SER B 113 -7.81 28.27 61.72
CA SER B 113 -7.48 29.68 61.59
C SER B 113 -8.66 30.52 61.01
N ASN B 114 -9.55 29.90 60.23
CA ASN B 114 -10.73 30.59 59.69
C ASN B 114 -11.78 30.83 60.79
N VAL B 115 -12.02 29.84 61.69
CA VAL B 115 -12.99 30.01 62.79
C VAL B 115 -12.44 31.00 63.82
N LYS B 116 -11.12 30.95 64.12
CA LYS B 116 -10.50 31.90 65.04
C LYS B 116 -10.62 33.33 64.48
N ASN B 117 -10.51 33.49 63.13
CA ASN B 117 -10.64 34.79 62.46
C ASN B 117 -12.10 35.27 62.38
N LEU B 118 -13.07 34.34 62.22
CA LEU B 118 -14.50 34.68 62.15
C LEU B 118 -14.96 35.20 63.48
N TYR B 119 -14.37 34.65 64.56
CA TYR B 119 -14.59 35.01 65.95
C TYR B 119 -14.07 36.42 66.16
N GLU B 120 -12.79 36.68 65.83
CA GLU B 120 -12.16 37.99 65.98
C GLU B 120 -12.88 39.10 65.23
N LYS B 121 -13.62 38.79 64.14
CA LYS B 121 -14.42 39.76 63.37
C LYS B 121 -15.49 40.31 64.30
N VAL B 122 -16.32 39.39 64.85
CA VAL B 122 -17.43 39.63 65.77
C VAL B 122 -16.94 40.34 67.05
N LYS B 123 -15.78 39.91 67.62
CA LYS B 123 -15.15 40.52 68.79
C LYS B 123 -14.71 41.96 68.49
N SER B 124 -14.25 42.24 67.25
CA SER B 124 -13.80 43.57 66.81
C SER B 124 -14.94 44.58 66.69
N GLN B 125 -16.12 44.16 66.20
CA GLN B 125 -17.29 45.04 66.04
C GLN B 125 -17.94 45.31 67.41
N LEU B 126 -18.24 44.23 68.17
CA LEU B 126 -18.86 44.23 69.50
C LEU B 126 -17.70 44.40 70.52
N LYS B 127 -17.08 45.60 70.56
CA LYS B 127 -15.93 45.87 71.44
C LYS B 127 -16.23 45.58 72.91
N ASN B 128 -17.22 46.29 73.50
CA ASN B 128 -17.69 46.11 74.87
C ASN B 128 -19.22 46.30 74.94
N ASN B 129 -19.87 46.12 73.76
CA ASN B 129 -21.32 46.15 73.55
C ASN B 129 -21.88 44.73 73.81
N ALA B 130 -20.97 43.77 74.11
CA ALA B 130 -21.21 42.35 74.42
C ALA B 130 -20.09 41.77 75.35
N LYS B 131 -20.32 40.57 75.92
CA LYS B 131 -19.33 39.90 76.77
C LYS B 131 -18.98 38.47 76.27
N GLU B 132 -17.69 38.13 76.29
CA GLU B 132 -17.18 36.81 75.93
C GLU B 132 -17.70 35.86 77.03
N ILE B 133 -18.68 35.00 76.71
CA ILE B 133 -19.28 34.14 77.74
C ILE B 133 -18.87 32.65 77.70
N GLY B 134 -19.13 31.98 76.59
CA GLY B 134 -18.84 30.56 76.45
C GLY B 134 -17.64 30.29 75.59
N ASN B 135 -17.81 29.39 74.63
CA ASN B 135 -16.76 29.06 73.68
C ASN B 135 -16.58 30.24 72.73
N GLY B 136 -17.33 30.23 71.64
CA GLY B 136 -17.32 31.33 70.66
C GLY B 136 -18.56 32.16 70.85
N CYS B 137 -19.08 32.16 72.09
CA CYS B 137 -20.31 32.85 72.43
C CYS B 137 -20.09 34.23 73.03
N PHE B 138 -20.88 35.19 72.52
CA PHE B 138 -20.90 36.58 72.92
C PHE B 138 -22.28 36.96 73.46
N GLU B 139 -22.31 37.57 74.67
CA GLU B 139 -23.48 38.01 75.46
C GLU B 139 -23.69 39.54 75.39
N PHE B 140 -24.64 39.98 74.54
CA PHE B 140 -24.98 41.39 74.32
C PHE B 140 -25.43 42.16 75.59
N TYR B 141 -24.76 43.30 75.84
CA TYR B 141 -25.08 44.23 76.93
C TYR B 141 -26.26 45.16 76.48
N HIS B 142 -26.78 44.97 75.25
CA HIS B 142 -27.91 45.72 74.67
C HIS B 142 -28.92 44.80 73.96
N LYS B 143 -30.10 45.34 73.62
CA LYS B 143 -31.13 44.58 72.92
C LYS B 143 -30.75 44.50 71.42
N CYS B 144 -30.25 43.34 70.97
CA CYS B 144 -29.88 43.15 69.55
C CYS B 144 -30.94 42.39 68.78
N ASN B 145 -31.66 43.14 67.95
CA ASN B 145 -32.77 42.73 67.11
C ASN B 145 -32.33 41.86 65.92
N ASP B 146 -33.30 41.16 65.25
CA ASP B 146 -33.09 40.30 64.07
C ASP B 146 -32.43 41.11 62.95
N GLU B 147 -32.38 42.43 63.15
CA GLU B 147 -31.81 43.42 62.27
C GLU B 147 -30.34 43.61 62.66
N CYS B 148 -30.05 44.00 63.93
CA CYS B 148 -28.70 44.18 64.47
C CYS B 148 -27.89 42.88 64.33
N MET B 149 -28.57 41.71 64.51
CA MET B 149 -28.02 40.35 64.39
C MET B 149 -27.47 40.14 62.98
N GLU B 150 -28.36 40.17 61.97
CA GLU B 150 -28.01 40.01 60.56
C GLU B 150 -27.02 41.09 60.08
N SER B 151 -26.73 42.08 60.93
CA SER B 151 -25.77 43.15 60.67
C SER B 151 -24.38 42.83 61.21
N VAL B 152 -24.30 41.99 62.26
CA VAL B 152 -23.03 41.53 62.85
C VAL B 152 -22.41 40.54 61.83
N LYS B 153 -23.28 39.75 61.17
CA LYS B 153 -22.96 38.76 60.15
C LYS B 153 -22.24 39.37 58.93
N ASN B 154 -22.90 40.31 58.20
CA ASN B 154 -22.32 40.95 57.01
C ASN B 154 -21.31 42.08 57.35
N GLY B 155 -20.91 42.18 58.61
CA GLY B 155 -19.92 43.13 59.09
C GLY B 155 -20.29 44.61 59.04
N THR B 156 -21.54 44.93 58.65
CA THR B 156 -22.06 46.31 58.57
C THR B 156 -22.70 46.72 59.92
N TYR B 157 -22.24 46.11 61.03
CA TYR B 157 -22.75 46.39 62.37
C TYR B 157 -22.42 47.81 62.82
N ASP B 158 -23.47 48.54 63.29
CA ASP B 158 -23.44 49.92 63.77
C ASP B 158 -23.16 49.97 65.30
N TYR B 159 -21.89 50.21 65.69
CA TYR B 159 -21.48 50.30 67.10
C TYR B 159 -22.17 51.43 67.88
N PRO B 160 -22.24 52.71 67.37
CA PRO B 160 -22.88 53.79 68.17
C PRO B 160 -24.38 53.62 68.46
N LYS B 161 -25.18 53.18 67.44
CA LYS B 161 -26.63 52.96 67.50
C LYS B 161 -27.06 52.07 68.70
N TYR B 162 -26.09 51.43 69.40
CA TYR B 162 -26.29 50.54 70.53
C TYR B 162 -25.19 50.76 71.59
N SER B 163 -24.28 51.74 71.36
CA SER B 163 -23.15 52.04 72.25
C SER B 163 -23.60 52.47 73.64
N GLU B 164 -24.43 53.55 73.70
CA GLU B 164 -25.00 54.07 74.96
C GLU B 164 -26.09 53.14 75.52
N GLU B 165 -26.93 52.55 74.62
CA GLU B 165 -27.99 51.60 74.97
C GLU B 165 -27.47 50.41 75.82
N SER B 166 -26.17 50.06 75.64
CA SER B 166 -25.45 49.00 76.36
C SER B 166 -24.97 49.49 77.72
N LYS B 167 -24.39 50.71 77.77
CA LYS B 167 -23.82 51.37 78.95
C LYS B 167 -24.70 51.31 80.18
N LEU B 168 -26.03 51.50 80.00
CA LEU B 168 -27.03 51.45 81.07
C LEU B 168 -27.01 50.11 81.82
N ASN B 169 -27.23 49.01 81.08
CA ASN B 169 -27.26 47.63 81.59
C ASN B 169 -25.86 47.16 81.98
N ARG B 170 -24.81 47.74 81.35
CA ARG B 170 -23.39 47.44 81.57
C ARG B 170 -22.94 47.64 83.01
N GLU B 171 -22.87 48.92 83.50
CA GLU B 171 -22.43 49.30 84.86
C GLU B 171 -23.08 48.46 85.98
N LYS B 172 -24.33 47.99 85.72
CA LYS B 172 -25.15 47.14 86.58
C LYS B 172 -24.55 45.74 86.67
N GLN C 1 -8.47 4.67 -18.25
CA GLN C 1 -8.43 6.15 -18.16
C GLN C 1 -6.96 6.71 -18.24
N VAL C 2 -5.97 5.80 -18.28
CA VAL C 2 -4.55 6.18 -18.36
C VAL C 2 -3.99 5.92 -19.79
N GLN C 3 -3.16 6.85 -20.30
CA GLN C 3 -2.49 6.79 -21.59
C GLN C 3 -0.97 6.69 -21.39
N LEU C 4 -0.32 5.75 -22.13
CA LEU C 4 1.10 5.42 -22.05
C LEU C 4 1.86 5.69 -23.35
N GLN C 5 3.09 6.26 -23.27
CA GLN C 5 3.86 6.59 -24.48
C GLN C 5 5.32 6.25 -24.33
N GLU C 6 5.83 5.36 -25.18
CA GLU C 6 7.26 5.03 -25.11
C GLU C 6 8.12 6.12 -25.75
N SER C 7 9.41 6.15 -25.35
CA SER C 7 10.45 7.03 -25.87
C SER C 7 10.70 6.74 -27.37
N GLY C 8 11.44 7.61 -28.03
CA GLY C 8 11.72 7.50 -29.46
C GLY C 8 12.46 6.27 -29.93
N PRO C 9 12.21 5.87 -31.21
CA PRO C 9 12.94 4.72 -31.78
C PRO C 9 14.38 5.13 -32.07
N GLY C 10 15.28 4.15 -32.09
CA GLY C 10 16.69 4.43 -32.35
C GLY C 10 17.53 3.21 -32.49
N LEU C 11 18.84 3.42 -32.62
CA LEU C 11 19.84 2.38 -32.78
C LEU C 11 20.59 2.16 -31.48
N VAL C 12 20.97 0.90 -31.25
CA VAL C 12 21.78 0.49 -30.10
C VAL C 12 22.93 -0.32 -30.67
N LYS C 13 24.19 0.08 -30.36
CA LYS C 13 25.38 -0.65 -30.83
C LYS C 13 25.34 -2.03 -30.21
N THR C 14 25.91 -3.03 -30.89
CA THR C 14 25.99 -4.40 -30.35
C THR C 14 26.82 -4.39 -29.05
N SER C 15 26.60 -5.35 -28.14
CA SER C 15 27.25 -5.48 -26.82
C SER C 15 26.99 -4.27 -25.87
N GLU C 16 26.24 -3.24 -26.34
CA GLU C 16 25.94 -2.02 -25.57
C GLU C 16 24.63 -2.08 -24.75
N THR C 17 24.15 -0.91 -24.27
CA THR C 17 22.99 -0.84 -23.39
C THR C 17 21.83 0.01 -23.99
N LEU C 18 20.62 -0.60 -23.93
CA LEU C 18 19.32 -0.12 -24.40
C LEU C 18 18.57 0.56 -23.25
N SER C 19 18.10 1.81 -23.48
CA SER C 19 17.32 2.58 -22.50
C SER C 19 16.04 3.08 -23.10
N LEU C 20 14.94 2.94 -22.37
CA LEU C 20 13.62 3.34 -22.83
C LEU C 20 12.84 3.91 -21.69
N THR C 21 11.94 4.84 -21.96
CA THR C 21 11.12 5.46 -20.94
C THR C 21 9.69 5.50 -21.41
N CYS C 22 8.74 5.26 -20.53
CA CYS C 22 7.31 5.34 -20.83
C CYS C 22 6.72 6.51 -20.01
N THR C 23 5.81 7.30 -20.61
CA THR C 23 5.24 8.43 -19.89
C THR C 23 3.77 8.25 -19.70
N VAL C 24 3.35 8.18 -18.44
CA VAL C 24 1.97 7.98 -18.01
C VAL C 24 1.24 9.31 -17.92
N SER C 25 0.09 9.38 -18.61
CA SER C 25 -0.82 10.52 -18.67
C SER C 25 -2.20 10.03 -18.25
N GLY C 26 -3.00 10.92 -17.68
CA GLY C 26 -4.37 10.61 -17.29
C GLY C 26 -4.49 9.94 -15.95
N GLY C 27 -3.40 9.97 -15.20
CA GLY C 27 -3.31 9.38 -13.87
C GLY C 27 -1.89 9.30 -13.38
N SER C 28 -1.76 9.02 -12.06
CA SER C 28 -0.47 8.91 -11.37
C SER C 28 0.18 7.52 -11.44
N ILE C 29 1.51 7.53 -11.67
CA ILE C 29 2.35 6.34 -11.68
C ILE C 29 2.42 5.83 -10.21
N LYS C 30 2.33 6.77 -9.24
CA LYS C 30 2.32 6.49 -7.81
C LYS C 30 0.92 5.97 -7.40
N ASN C 31 0.60 4.74 -7.83
CA ASN C 31 -0.65 4.04 -7.49
C ASN C 31 -0.25 2.63 -7.03
N LYS C 32 -0.65 2.24 -5.81
CA LYS C 32 -0.31 0.91 -5.27
C LYS C 32 -0.93 -0.25 -6.03
N ASP C 33 -1.96 0.02 -6.84
CA ASP C 33 -2.70 -1.02 -7.58
C ASP C 33 -2.13 -1.44 -8.95
N PHE C 34 -1.05 -0.81 -9.42
CA PHE C 34 -0.45 -1.13 -10.71
C PHE C 34 1.01 -1.52 -10.68
N PHE C 35 1.38 -2.42 -11.56
CA PHE C 35 2.73 -2.83 -11.82
C PHE C 35 2.85 -2.48 -13.29
N TRP C 36 3.79 -1.60 -13.63
CA TRP C 36 4.03 -1.07 -14.98
C TRP C 36 4.92 -1.96 -15.82
N ALA C 37 4.42 -2.40 -16.99
CA ALA C 37 5.09 -3.39 -17.83
C ALA C 37 5.84 -2.89 -19.04
N TRP C 38 6.80 -3.71 -19.46
CA TRP C 38 7.55 -3.56 -20.69
C TRP C 38 7.44 -4.90 -21.38
N ILE C 39 6.84 -4.90 -22.58
CA ILE C 39 6.61 -6.08 -23.43
C ILE C 39 7.40 -5.78 -24.70
N ARG C 40 7.85 -6.82 -25.39
CA ARG C 40 8.55 -6.66 -26.66
C ARG C 40 8.09 -7.68 -27.70
N GLN C 41 8.38 -7.38 -28.97
CA GLN C 41 7.99 -8.23 -30.07
C GLN C 41 8.93 -8.06 -31.24
N PRO C 42 9.70 -9.10 -31.61
CA PRO C 42 10.54 -8.98 -32.81
C PRO C 42 9.61 -8.90 -34.03
N PRO C 43 9.85 -7.99 -35.01
CA PRO C 43 8.96 -7.92 -36.19
C PRO C 43 8.66 -9.28 -36.83
N GLY C 44 7.36 -9.55 -36.97
CA GLY C 44 6.85 -10.79 -37.52
C GLY C 44 6.77 -11.93 -36.52
N LYS C 45 7.35 -11.73 -35.33
CA LYS C 45 7.38 -12.75 -34.30
C LYS C 45 6.35 -12.45 -33.17
N ALA C 46 6.34 -13.31 -32.11
CA ALA C 46 5.39 -13.21 -31.00
C ALA C 46 5.78 -12.21 -29.90
N LEU C 47 4.84 -11.96 -28.98
CA LEU C 47 4.97 -11.06 -27.83
C LEU C 47 5.71 -11.76 -26.69
N GLU C 48 6.58 -11.00 -26.00
CA GLU C 48 7.35 -11.51 -24.85
C GLU C 48 7.35 -10.49 -23.69
N TRP C 49 6.98 -10.94 -22.48
CA TRP C 49 7.05 -10.05 -21.31
C TRP C 49 8.51 -9.86 -20.86
N ILE C 50 8.95 -8.62 -20.66
CA ILE C 50 10.29 -8.34 -20.17
C ILE C 50 10.25 -8.24 -18.63
N GLY C 51 9.47 -7.30 -18.13
CA GLY C 51 9.31 -7.11 -16.70
C GLY C 51 8.18 -6.17 -16.36
N SER C 52 7.82 -6.12 -15.08
CA SER C 52 6.78 -5.28 -14.49
C SER C 52 7.38 -4.59 -13.24
N VAL C 53 7.19 -3.27 -13.09
CA VAL C 53 7.76 -2.51 -11.96
C VAL C 53 6.70 -1.71 -11.16
N PHE C 54 6.79 -1.79 -9.81
CA PHE C 54 5.98 -1.01 -8.87
C PHE C 54 6.60 0.41 -8.78
N TYR C 55 5.85 1.44 -8.35
CA TYR C 55 6.43 2.80 -8.33
C TYR C 55 7.63 2.93 -7.41
N SER C 56 7.75 2.07 -6.39
CA SER C 56 8.85 2.08 -5.44
C SER C 56 10.16 1.52 -6.02
N GLY C 57 10.10 0.96 -7.21
CA GLY C 57 11.26 0.35 -7.86
C GLY C 57 11.29 -1.16 -7.76
N GLY C 58 10.39 -1.73 -6.94
CA GLY C 58 10.20 -3.16 -6.77
C GLY C 58 9.77 -3.76 -8.10
N ALA C 59 10.46 -4.79 -8.59
CA ALA C 59 10.15 -5.34 -9.89
C ALA C 59 10.20 -6.85 -9.96
N TYR C 60 9.52 -7.39 -10.97
CA TYR C 60 9.51 -8.79 -11.35
C TYR C 60 10.00 -8.80 -12.80
N TYR C 61 10.82 -9.79 -13.15
CA TYR C 61 11.38 -9.89 -14.51
C TYR C 61 11.17 -11.27 -15.17
N ASN C 62 11.21 -11.30 -16.50
CA ASN C 62 11.17 -12.53 -17.29
C ASN C 62 12.45 -13.29 -16.90
N TRP C 63 12.28 -14.50 -16.37
CA TRP C 63 13.41 -15.31 -15.89
C TRP C 63 14.61 -15.32 -16.85
N SER C 64 14.35 -15.61 -18.14
CA SER C 64 15.36 -15.66 -19.19
C SER C 64 16.13 -14.31 -19.38
N LEU C 65 15.55 -13.18 -18.90
CA LEU C 65 16.14 -11.83 -18.99
C LEU C 65 16.60 -11.26 -17.62
N ARG C 66 16.22 -11.88 -16.48
CA ARG C 66 16.50 -11.42 -15.11
C ARG C 66 17.87 -10.71 -14.86
N ASN C 67 18.94 -11.18 -15.55
CA ASN C 67 20.31 -10.68 -15.39
C ASN C 67 20.79 -9.65 -16.40
N ARG C 68 19.89 -9.15 -17.28
CA ARG C 68 20.22 -8.15 -18.30
C ARG C 68 19.30 -6.96 -18.18
N VAL C 69 18.15 -7.16 -17.54
CA VAL C 69 17.17 -6.09 -17.41
C VAL C 69 17.10 -5.50 -16.05
N THR C 70 16.79 -4.20 -16.04
CA THR C 70 16.54 -3.45 -14.82
C THR C 70 15.48 -2.36 -15.11
N MET C 71 14.49 -2.30 -14.23
CA MET C 71 13.39 -1.34 -14.33
C MET C 71 13.27 -0.43 -13.10
N SER C 72 12.87 0.82 -13.37
CA SER C 72 12.74 1.87 -12.37
C SER C 72 11.54 2.72 -12.67
N ALA C 73 11.11 3.52 -11.67
CA ALA C 73 9.99 4.44 -11.78
C ALA C 73 10.45 5.78 -11.21
N ASP C 74 9.92 6.89 -11.76
CA ASP C 74 10.19 8.27 -11.39
C ASP C 74 8.86 8.97 -11.16
N THR C 75 8.39 8.93 -9.91
CA THR C 75 7.09 9.49 -9.53
C THR C 75 6.94 10.99 -9.82
N SER C 76 8.07 11.71 -9.93
CA SER C 76 8.02 13.14 -10.22
C SER C 76 7.66 13.38 -11.68
N LYS C 77 8.46 12.82 -12.59
CA LYS C 77 8.26 12.92 -14.02
C LYS C 77 7.08 12.04 -14.53
N ASN C 78 6.49 11.17 -13.65
CA ASN C 78 5.39 10.22 -13.91
C ASN C 78 5.76 9.26 -15.04
N GLN C 79 6.99 8.74 -14.94
CA GLN C 79 7.59 7.87 -15.94
C GLN C 79 8.19 6.66 -15.31
N PHE C 80 8.26 5.56 -16.09
CA PHE C 80 8.93 4.31 -15.71
C PHE C 80 9.88 3.95 -16.84
N SER C 81 10.96 3.22 -16.53
CA SER C 81 11.98 2.98 -17.53
C SER C 81 12.47 1.57 -17.64
N LEU C 82 13.20 1.29 -18.71
CA LEU C 82 13.84 0.02 -18.97
C LEU C 82 15.31 0.24 -19.36
N LYS C 83 16.19 -0.60 -18.79
CA LYS C 83 17.61 -0.60 -19.09
C LYS C 83 18.00 -2.05 -19.37
N MET C 84 18.42 -2.35 -20.60
CA MET C 84 18.81 -3.69 -20.95
C MET C 84 20.27 -3.71 -21.44
N THR C 85 21.12 -4.52 -20.79
CA THR C 85 22.56 -4.61 -21.08
C THR C 85 22.93 -5.73 -22.03
N SER C 86 24.16 -5.63 -22.61
CA SER C 86 24.82 -6.61 -23.52
C SER C 86 23.87 -7.04 -24.66
N VAL C 87 23.37 -6.05 -25.44
CA VAL C 87 22.40 -6.29 -26.50
C VAL C 87 22.98 -7.03 -27.68
N THR C 88 22.22 -8.02 -28.14
CA THR C 88 22.44 -8.90 -29.29
C THR C 88 21.44 -8.46 -30.38
N ALA C 89 21.59 -8.96 -31.62
CA ALA C 89 20.68 -8.63 -32.70
C ALA C 89 19.27 -9.09 -32.35
N SER C 90 19.15 -10.18 -31.55
CA SER C 90 17.89 -10.76 -31.03
C SER C 90 17.04 -9.75 -30.21
N ASP C 91 17.69 -8.67 -29.73
CA ASP C 91 17.05 -7.62 -28.99
C ASP C 91 16.39 -6.58 -29.91
N THR C 92 16.46 -6.76 -31.26
CA THR C 92 15.79 -5.87 -32.23
C THR C 92 14.30 -6.24 -32.17
N SER C 93 13.49 -5.36 -31.57
CA SER C 93 12.07 -5.58 -31.36
C SER C 93 11.27 -4.27 -31.28
N PHE C 94 9.94 -4.43 -31.24
CA PHE C 94 8.99 -3.39 -30.95
C PHE C 94 8.83 -3.50 -29.45
N TYR C 95 9.15 -2.41 -28.76
CA TYR C 95 9.11 -2.32 -27.32
C TYR C 95 7.89 -1.55 -26.97
N TYR C 96 6.98 -2.20 -26.24
CA TYR C 96 5.71 -1.65 -25.79
C TYR C 96 5.73 -1.48 -24.29
N CYS C 97 5.03 -0.47 -23.82
CA CYS C 97 4.83 -0.31 -22.38
C CYS C 97 3.30 -0.44 -22.11
N ALA C 98 2.98 -1.14 -21.05
CA ALA C 98 1.60 -1.38 -20.64
C ALA C 98 1.59 -1.30 -19.13
N THR C 99 0.46 -1.63 -18.49
CA THR C 99 0.33 -1.64 -17.02
C THR C 99 -0.62 -2.75 -16.57
N SER C 100 -0.51 -3.20 -15.30
CA SER C 100 -1.39 -4.23 -14.77
C SER C 100 -1.96 -3.88 -13.44
N TYR C 101 -3.30 -4.04 -13.28
CA TYR C 101 -3.93 -3.88 -11.99
C TYR C 101 -3.55 -5.18 -11.29
N VAL C 102 -2.85 -5.07 -10.14
CA VAL C 102 -2.37 -6.23 -9.37
C VAL C 102 -2.84 -6.10 -7.92
N ASP C 103 -3.49 -7.18 -7.42
CA ASP C 103 -3.87 -7.37 -6.02
C ASP C 103 -2.71 -8.22 -5.46
N ASN C 104 -2.73 -9.55 -5.71
CA ASN C 104 -1.70 -10.52 -5.33
C ASN C 104 -0.98 -11.08 -6.58
N TRP C 105 0.28 -10.69 -6.79
CA TRP C 105 1.06 -11.10 -7.96
C TRP C 105 1.09 -12.60 -8.23
N HIS C 106 1.32 -13.41 -7.19
CA HIS C 106 1.52 -14.83 -7.36
C HIS C 106 0.19 -15.60 -7.51
N ALA C 107 -0.95 -14.88 -7.48
CA ALA C 107 -2.28 -15.44 -7.78
C ALA C 107 -2.36 -15.62 -9.32
N GLY C 108 -1.60 -14.82 -10.07
CA GLY C 108 -1.49 -14.85 -11.52
C GLY C 108 -2.74 -14.52 -12.33
N LEU C 109 -3.67 -13.77 -11.72
CA LEU C 109 -4.90 -13.40 -12.40
C LEU C 109 -4.85 -12.09 -13.21
N HIS C 110 -3.68 -11.43 -13.31
CA HIS C 110 -3.54 -10.12 -13.96
C HIS C 110 -3.16 -10.17 -15.42
N TRP C 111 -3.64 -9.15 -16.17
CA TRP C 111 -3.44 -8.95 -17.61
C TRP C 111 -2.80 -7.59 -17.88
N PHE C 112 -2.78 -7.15 -19.12
CA PHE C 112 -2.21 -5.89 -19.53
C PHE C 112 -3.28 -5.04 -20.19
N ASP C 113 -3.30 -3.78 -19.84
CA ASP C 113 -4.21 -2.81 -20.42
C ASP C 113 -3.37 -1.56 -20.66
N SER C 114 -4.03 -0.47 -21.08
CA SER C 114 -3.43 0.83 -21.35
C SER C 114 -2.04 0.73 -22.05
N TRP C 115 -1.96 -0.10 -23.14
CA TRP C 115 -0.74 -0.30 -23.93
C TRP C 115 -0.36 0.97 -24.68
N GLY C 116 0.94 1.14 -24.93
CA GLY C 116 1.45 2.24 -25.73
C GLY C 116 1.41 1.88 -27.20
N ARG C 117 1.94 2.77 -28.06
CA ARG C 117 1.98 2.56 -29.52
C ARG C 117 3.05 1.55 -29.93
N GLY C 118 4.12 1.48 -29.15
CA GLY C 118 5.31 0.68 -29.43
C GLY C 118 6.44 1.56 -29.97
N THR C 119 7.71 1.08 -29.82
CA THR C 119 8.90 1.81 -30.28
C THR C 119 9.92 0.84 -30.86
N LEU C 120 10.31 1.02 -32.14
CA LEU C 120 11.27 0.12 -32.77
C LEU C 120 12.70 0.41 -32.37
N VAL C 121 13.33 -0.55 -31.67
CA VAL C 121 14.73 -0.48 -31.24
C VAL C 121 15.49 -1.45 -32.13
N THR C 122 16.42 -0.92 -32.93
CA THR C 122 17.23 -1.69 -33.87
C THR C 122 18.65 -1.86 -33.31
N VAL C 123 19.09 -3.13 -33.16
CA VAL C 123 20.43 -3.44 -32.66
C VAL C 123 21.37 -3.72 -33.84
N SER C 124 22.42 -2.87 -33.98
CA SER C 124 23.36 -2.95 -35.09
C SER C 124 24.75 -2.40 -34.78
N GLY C 125 25.75 -2.95 -35.48
CA GLY C 125 27.13 -2.47 -35.45
C GLY C 125 27.27 -1.29 -36.41
N ALA C 126 26.25 -1.15 -37.30
CA ALA C 126 26.09 -0.09 -38.30
C ALA C 126 25.88 1.26 -37.66
N SER C 127 25.86 2.32 -38.49
CA SER C 127 25.74 3.70 -38.06
C SER C 127 24.44 4.34 -38.48
N THR C 128 24.02 5.36 -37.73
CA THR C 128 22.79 6.13 -37.95
C THR C 128 22.95 6.96 -39.21
N LYS C 129 22.05 6.76 -40.20
CA LYS C 129 22.02 7.50 -41.47
C LYS C 129 20.69 8.20 -41.70
N GLY C 130 20.78 9.48 -42.03
CA GLY C 130 19.64 10.36 -42.28
C GLY C 130 19.14 10.28 -43.71
N PRO C 131 17.85 10.61 -43.94
CA PRO C 131 17.31 10.52 -45.31
C PRO C 131 17.57 11.71 -46.24
N SER C 132 17.47 11.45 -47.55
CA SER C 132 17.60 12.45 -48.61
C SER C 132 16.19 12.55 -49.17
N VAL C 133 15.46 13.59 -48.77
CA VAL C 133 14.08 13.76 -49.21
C VAL C 133 13.97 14.53 -50.55
N PHE C 134 13.25 13.93 -51.53
CA PHE C 134 13.02 14.50 -52.86
C PHE C 134 11.53 14.64 -53.18
N PRO C 135 11.11 15.69 -53.93
CA PRO C 135 9.67 15.81 -54.24
C PRO C 135 9.26 14.95 -55.43
N LEU C 136 8.15 14.22 -55.29
CA LEU C 136 7.58 13.40 -56.37
C LEU C 136 6.40 14.21 -56.88
N ALA C 137 6.62 14.95 -57.98
CA ALA C 137 5.62 15.86 -58.55
C ALA C 137 4.92 15.33 -59.81
N PRO C 138 3.62 15.64 -60.03
CA PRO C 138 2.95 15.15 -61.26
C PRO C 138 3.27 15.98 -62.51
N SER C 139 3.47 15.28 -63.67
CA SER C 139 3.88 15.79 -65.00
C SER C 139 3.15 17.06 -65.54
N SER C 140 3.88 17.81 -66.41
CA SER C 140 3.47 19.03 -67.12
C SER C 140 3.01 18.66 -68.56
N LYS C 141 2.86 17.35 -68.83
CA LYS C 141 2.42 16.74 -70.10
C LYS C 141 1.11 15.95 -69.87
N SER C 142 0.84 15.59 -68.59
CA SER C 142 -0.33 14.83 -68.13
C SER C 142 -1.67 15.54 -68.29
N THR C 143 -2.60 14.84 -68.99
CA THR C 143 -3.98 15.25 -69.21
C THR C 143 -4.83 14.46 -68.18
N SER C 144 -5.34 15.19 -67.16
CA SER C 144 -6.10 14.68 -66.01
C SER C 144 -7.27 13.73 -66.35
N GLY C 145 -7.24 12.54 -65.74
CA GLY C 145 -8.28 11.54 -65.85
C GLY C 145 -9.46 11.98 -65.00
N GLY C 146 -9.17 12.26 -63.72
CA GLY C 146 -10.13 12.71 -62.71
C GLY C 146 -9.47 13.30 -61.48
N THR C 147 -8.58 12.51 -60.84
CA THR C 147 -7.81 12.88 -59.66
C THR C 147 -6.36 13.09 -60.10
N VAL C 148 -5.45 13.12 -59.13
CA VAL C 148 -4.02 13.28 -59.36
C VAL C 148 -3.22 13.02 -58.08
N ALA C 149 -1.99 12.51 -58.24
CA ALA C 149 -1.13 12.20 -57.11
C ALA C 149 0.26 12.76 -57.23
N LEU C 150 0.76 13.14 -56.07
CA LEU C 150 2.07 13.70 -55.82
C LEU C 150 2.56 13.01 -54.53
N GLY C 151 3.85 13.13 -54.23
CA GLY C 151 4.39 12.52 -53.04
C GLY C 151 5.75 13.03 -52.65
N CYS C 152 6.35 12.34 -51.67
CA CYS C 152 7.64 12.61 -51.04
C CYS C 152 8.47 11.34 -51.24
N LEU C 153 9.78 11.46 -51.53
CA LEU C 153 10.66 10.29 -51.63
C LEU C 153 11.79 10.36 -50.60
N VAL C 154 11.68 9.55 -49.54
CA VAL C 154 12.68 9.48 -48.47
C VAL C 154 13.70 8.44 -48.90
N LYS C 155 14.94 8.89 -49.15
CA LYS C 155 16.02 8.07 -49.71
C LYS C 155 17.16 7.75 -48.74
N ASP C 156 17.69 6.52 -48.85
CA ASP C 156 18.83 5.97 -48.12
C ASP C 156 18.97 6.46 -46.66
N TYR C 157 18.19 5.85 -45.75
CA TYR C 157 18.25 6.14 -44.32
C TYR C 157 18.47 4.85 -43.53
N PHE C 158 18.87 4.99 -42.25
CA PHE C 158 19.05 3.89 -41.30
C PHE C 158 19.04 4.36 -39.85
N PRO C 159 18.34 3.64 -38.95
CA PRO C 159 17.50 2.44 -39.19
C PRO C 159 16.06 2.80 -39.53
N GLU C 160 15.15 1.86 -39.29
CA GLU C 160 13.75 2.16 -39.43
C GLU C 160 13.27 2.80 -38.09
N PRO C 161 12.24 3.68 -38.06
CA PRO C 161 11.31 4.12 -39.12
C PRO C 161 11.41 5.63 -39.44
N VAL C 162 10.57 6.08 -40.39
CA VAL C 162 10.35 7.48 -40.74
C VAL C 162 8.86 7.78 -40.70
N THR C 163 8.49 8.89 -40.05
CA THR C 163 7.11 9.36 -39.95
C THR C 163 6.91 10.35 -41.08
N VAL C 164 5.86 10.16 -41.86
CA VAL C 164 5.58 11.10 -42.94
C VAL C 164 4.16 11.67 -42.83
N SER C 165 4.08 12.98 -42.54
CA SER C 165 2.80 13.70 -42.47
C SER C 165 2.75 14.65 -43.65
N TRP C 166 1.60 15.29 -43.85
CA TRP C 166 1.42 16.24 -44.94
C TRP C 166 0.73 17.47 -44.43
N ASN C 167 1.34 18.62 -44.71
CA ASN C 167 0.91 19.97 -44.33
C ASN C 167 0.89 20.08 -42.81
N SER C 168 2.00 19.67 -42.18
CA SER C 168 2.22 19.67 -40.73
C SER C 168 1.07 18.98 -39.94
N GLY C 169 0.31 18.14 -40.66
CA GLY C 169 -0.80 17.36 -40.12
C GLY C 169 -2.15 17.66 -40.72
N ALA C 170 -2.26 18.81 -41.40
CA ALA C 170 -3.51 19.27 -42.03
C ALA C 170 -4.09 18.32 -43.07
N LEU C 171 -3.20 17.76 -43.93
CA LEU C 171 -3.59 16.82 -44.97
C LEU C 171 -3.60 15.39 -44.44
N THR C 172 -4.79 14.78 -44.47
CA THR C 172 -5.04 13.41 -44.00
C THR C 172 -5.73 12.58 -45.09
N SER C 173 -6.59 13.21 -45.90
CA SER C 173 -7.37 12.55 -46.96
C SER C 173 -6.54 12.20 -48.19
N GLY C 174 -6.55 10.91 -48.53
CA GLY C 174 -5.84 10.37 -49.70
C GLY C 174 -4.36 10.09 -49.50
N VAL C 175 -3.85 10.34 -48.26
CA VAL C 175 -2.44 10.10 -47.93
C VAL C 175 -2.15 8.57 -47.79
N HIS C 176 -0.98 8.16 -48.29
CA HIS C 176 -0.55 6.77 -48.26
C HIS C 176 0.96 6.67 -48.19
N THR C 177 1.50 6.46 -46.97
CA THR C 177 2.93 6.24 -46.78
C THR C 177 3.13 4.75 -46.90
N PHE C 178 3.99 4.37 -47.85
CA PHE C 178 4.23 2.99 -48.17
C PHE C 178 5.30 2.37 -47.30
N PRO C 179 5.17 1.07 -46.95
CA PRO C 179 6.26 0.42 -46.22
C PRO C 179 7.54 0.48 -47.05
N ALA C 180 8.65 0.84 -46.37
CA ALA C 180 9.99 1.00 -46.93
C ALA C 180 10.59 -0.25 -47.61
N VAL C 181 11.71 -0.04 -48.35
CA VAL C 181 12.53 -1.06 -48.99
C VAL C 181 13.82 -1.19 -48.22
N LEU C 182 14.26 -2.43 -48.06
CA LEU C 182 15.57 -2.69 -47.50
C LEU C 182 16.44 -2.78 -48.75
N GLN C 183 17.00 -1.63 -49.16
CA GLN C 183 17.93 -1.58 -50.29
C GLN C 183 19.05 -2.52 -49.87
N SER C 184 19.38 -3.48 -50.73
CA SER C 184 20.42 -4.47 -50.48
C SER C 184 21.76 -3.76 -50.63
N SER C 185 22.01 -2.90 -49.66
CA SER C 185 23.12 -1.98 -49.41
C SER C 185 22.99 -1.57 -47.93
N GLY C 186 21.96 -2.13 -47.27
CA GLY C 186 21.63 -1.93 -45.86
C GLY C 186 20.76 -0.74 -45.55
N LEU C 187 20.60 0.18 -46.52
CA LEU C 187 19.83 1.41 -46.37
C LEU C 187 18.37 1.23 -46.70
N TYR C 188 17.54 2.16 -46.23
CA TYR C 188 16.10 2.13 -46.44
C TYR C 188 15.64 3.28 -47.29
N SER C 189 14.61 3.04 -48.08
CA SER C 189 13.95 4.05 -48.88
C SER C 189 12.44 3.84 -48.84
N LEU C 190 11.72 4.91 -48.55
CA LEU C 190 10.27 4.90 -48.41
C LEU C 190 9.68 6.11 -49.19
N SER C 191 8.41 6.02 -49.60
CA SER C 191 7.74 7.12 -50.28
C SER C 191 6.24 7.21 -49.95
N SER C 192 5.81 8.42 -49.54
CA SER C 192 4.40 8.69 -49.26
C SER C 192 3.76 9.28 -50.52
N VAL C 193 2.45 9.12 -50.65
CA VAL C 193 1.73 9.64 -51.81
C VAL C 193 0.39 10.21 -51.38
N VAL C 194 0.04 11.40 -51.87
CA VAL C 194 -1.26 11.97 -51.57
C VAL C 194 -2.01 12.17 -52.88
N THR C 195 -3.28 11.74 -52.90
CA THR C 195 -4.18 11.83 -54.04
C THR C 195 -5.17 12.96 -53.77
N VAL C 196 -5.17 13.94 -54.68
CA VAL C 196 -5.98 15.15 -54.61
C VAL C 196 -6.81 15.30 -55.89
N PRO C 197 -7.96 16.05 -55.90
CA PRO C 197 -8.65 16.30 -57.18
C PRO C 197 -7.77 17.19 -58.08
N SER C 198 -7.93 17.05 -59.42
CA SER C 198 -7.17 17.81 -60.43
C SER C 198 -7.23 19.33 -60.13
N SER C 199 -8.44 19.86 -59.81
CA SER C 199 -8.69 21.26 -59.49
C SER C 199 -7.72 21.83 -58.46
N SER C 200 -7.59 21.18 -57.28
CA SER C 200 -6.74 21.66 -56.21
C SER C 200 -5.23 21.35 -56.41
N LEU C 201 -4.81 20.99 -57.64
CA LEU C 201 -3.40 20.74 -57.92
C LEU C 201 -2.56 22.03 -57.86
N GLY C 202 -2.80 22.95 -58.79
CA GLY C 202 -2.07 24.21 -58.85
C GLY C 202 -2.44 25.13 -57.71
N THR C 203 -3.72 25.08 -57.31
CA THR C 203 -4.36 25.94 -56.33
C THR C 203 -4.14 25.53 -54.86
N GLN C 204 -3.12 24.68 -54.55
CA GLN C 204 -2.87 24.29 -53.15
C GLN C 204 -1.40 23.96 -52.86
N THR C 205 -0.92 24.41 -51.67
CA THR C 205 0.44 24.12 -51.19
C THR C 205 0.47 22.70 -50.66
N TYR C 206 1.55 21.96 -50.98
CA TYR C 206 1.78 20.59 -50.51
C TYR C 206 3.15 20.47 -49.88
N ILE C 207 3.17 20.34 -48.56
CA ILE C 207 4.41 20.22 -47.80
C ILE C 207 4.47 18.86 -47.04
N CYS C 208 5.43 17.99 -47.39
CA CYS C 208 5.60 16.72 -46.68
C CYS C 208 6.66 16.81 -45.61
N ASN C 209 6.21 16.69 -44.37
CA ASN C 209 7.02 16.74 -43.17
C ASN C 209 7.50 15.31 -42.89
N VAL C 210 8.82 15.12 -42.98
CA VAL C 210 9.50 13.85 -42.77
C VAL C 210 10.25 13.90 -41.42
N ASN C 211 10.15 12.83 -40.62
CA ASN C 211 10.82 12.73 -39.32
C ASN C 211 11.55 11.41 -39.14
N HIS C 212 12.88 11.47 -39.06
CA HIS C 212 13.71 10.29 -38.83
C HIS C 212 14.25 10.41 -37.42
N LYS C 213 13.36 10.09 -36.44
CA LYS C 213 13.61 10.13 -35.00
C LYS C 213 14.97 9.48 -34.64
N PRO C 214 15.34 8.30 -35.25
CA PRO C 214 16.67 7.72 -34.98
C PRO C 214 17.87 8.67 -35.08
N SER C 215 17.84 9.64 -36.02
CA SER C 215 18.93 10.60 -36.31
C SER C 215 18.59 12.06 -36.06
N ASN C 216 17.35 12.34 -35.60
CA ASN C 216 16.80 13.68 -35.38
C ASN C 216 16.97 14.41 -36.70
N THR C 217 16.19 14.00 -37.71
CA THR C 217 16.28 14.58 -39.04
C THR C 217 14.89 14.97 -39.53
N LYS C 218 14.42 16.13 -39.06
CA LYS C 218 13.15 16.69 -39.50
C LYS C 218 13.43 17.49 -40.77
N VAL C 219 12.71 17.18 -41.86
CA VAL C 219 12.83 17.81 -43.19
C VAL C 219 11.41 18.07 -43.71
N ASP C 220 11.16 19.29 -44.19
CA ASP C 220 9.89 19.67 -44.79
C ASP C 220 10.17 19.88 -46.28
N LYS C 221 9.26 19.42 -47.17
CA LYS C 221 9.45 19.55 -48.62
C LYS C 221 8.23 20.08 -49.34
N ARG C 222 8.42 21.16 -50.14
CA ARG C 222 7.36 21.71 -50.96
C ARG C 222 7.27 20.84 -52.22
N VAL C 223 6.10 20.25 -52.45
CA VAL C 223 5.86 19.43 -53.63
C VAL C 223 5.04 20.33 -54.57
N GLU C 224 5.68 20.76 -55.69
CA GLU C 224 5.14 21.66 -56.71
C GLU C 224 5.32 21.04 -58.12
N PRO C 225 4.28 21.05 -58.99
CA PRO C 225 4.44 20.44 -60.34
C PRO C 225 5.22 21.29 -61.36
N SER D 2 7.68 -20.07 -26.57
CA SER D 2 6.38 -19.70 -25.99
C SER D 2 5.82 -20.84 -25.11
N VAL D 3 5.72 -20.60 -23.79
CA VAL D 3 5.26 -21.58 -22.78
C VAL D 3 3.80 -22.06 -23.03
N LEU D 4 2.96 -21.19 -23.68
CA LEU D 4 1.57 -21.46 -24.03
C LEU D 4 1.57 -21.69 -25.55
N THR D 5 0.92 -22.77 -26.01
CA THR D 5 0.94 -23.14 -27.44
C THR D 5 -0.35 -22.81 -28.18
N GLN D 6 -0.15 -22.09 -29.30
CA GLN D 6 -1.24 -21.66 -30.18
C GLN D 6 -1.07 -22.20 -31.61
N PRO D 7 -2.18 -22.52 -32.32
CA PRO D 7 -2.03 -22.97 -33.70
C PRO D 7 -1.50 -21.80 -34.54
N PRO D 8 -0.47 -21.97 -35.40
CA PRO D 8 0.03 -20.80 -36.17
C PRO D 8 -1.09 -20.06 -36.89
N SER D 9 -2.10 -20.81 -37.37
CA SER D 9 -3.22 -20.21 -38.11
C SER D 9 -4.53 -21.00 -38.03
N VAL D 10 -5.65 -20.25 -38.22
CA VAL D 10 -7.05 -20.67 -38.32
C VAL D 10 -7.73 -19.79 -39.38
N SER D 11 -8.74 -20.37 -40.04
CA SER D 11 -9.53 -19.65 -41.04
C SER D 11 -11.02 -20.01 -40.94
N GLY D 12 -11.85 -19.14 -41.50
CA GLY D 12 -13.29 -19.33 -41.54
C GLY D 12 -13.97 -18.44 -42.55
N ALA D 13 -15.09 -18.93 -43.11
CA ALA D 13 -15.86 -18.19 -44.09
C ALA D 13 -16.75 -17.24 -43.31
N PRO D 14 -17.10 -16.04 -43.85
CA PRO D 14 -17.91 -15.09 -43.05
C PRO D 14 -19.25 -15.65 -42.57
N GLY D 15 -19.49 -15.51 -41.25
CA GLY D 15 -20.68 -15.99 -40.57
C GLY D 15 -20.47 -17.32 -39.88
N GLN D 16 -19.26 -17.91 -40.02
CA GLN D 16 -18.87 -19.18 -39.38
C GLN D 16 -18.25 -18.91 -37.98
N ARG D 17 -18.07 -19.97 -37.20
CA ARG D 17 -17.46 -19.89 -35.90
C ARG D 17 -16.06 -20.51 -35.93
N VAL D 18 -15.07 -19.71 -35.52
CA VAL D 18 -13.69 -20.13 -35.39
C VAL D 18 -13.39 -20.32 -33.92
N SER D 19 -12.42 -21.17 -33.62
CA SER D 19 -12.00 -21.39 -32.25
C SER D 19 -10.49 -21.49 -32.23
N ILE D 20 -9.84 -20.51 -31.58
CA ILE D 20 -8.38 -20.51 -31.41
C ILE D 20 -8.08 -21.13 -30.05
N SER D 21 -7.31 -22.22 -30.04
CA SER D 21 -6.95 -22.91 -28.82
C SER D 21 -5.61 -22.33 -28.26
N CYS D 22 -5.44 -22.42 -26.93
CA CYS D 22 -4.26 -21.97 -26.21
C CYS D 22 -3.99 -23.15 -25.26
N THR D 23 -2.94 -23.92 -25.52
CA THR D 23 -2.75 -25.11 -24.69
C THR D 23 -1.47 -24.94 -23.82
N GLY D 24 -1.66 -25.16 -22.50
CA GLY D 24 -0.61 -25.00 -21.50
C GLY D 24 -0.11 -26.23 -20.77
N THR D 25 0.52 -25.99 -19.59
CA THR D 25 1.11 -27.01 -18.72
C THR D 25 0.61 -26.95 -17.26
N HIS D 26 1.21 -27.79 -16.41
CA HIS D 26 0.92 -27.92 -14.98
C HIS D 26 1.37 -26.68 -14.22
N SER D 27 2.34 -25.92 -14.77
CA SER D 27 2.92 -24.72 -14.17
C SER D 27 2.23 -23.43 -14.57
N ASN D 28 1.28 -23.47 -15.53
CA ASN D 28 0.58 -22.24 -15.91
C ASN D 28 -0.93 -22.41 -15.81
N ILE D 29 -1.61 -22.77 -16.93
CA ILE D 29 -3.08 -22.95 -16.94
C ILE D 29 -3.45 -24.05 -15.97
N GLY D 30 -2.71 -25.16 -16.01
CA GLY D 30 -2.89 -26.29 -15.12
C GLY D 30 -2.69 -25.99 -13.64
N ALA D 31 -2.06 -24.82 -13.28
CA ALA D 31 -1.79 -24.40 -11.91
C ALA D 31 -2.93 -23.51 -11.38
N GLY D 32 -3.88 -23.19 -12.26
CA GLY D 32 -5.06 -22.42 -11.89
C GLY D 32 -5.02 -20.96 -12.26
N PHE D 33 -4.03 -20.56 -13.08
CA PHE D 33 -3.93 -19.17 -13.47
C PHE D 33 -4.91 -18.79 -14.59
N ASP D 34 -5.58 -17.62 -14.43
CA ASP D 34 -6.52 -17.12 -15.45
C ASP D 34 -5.83 -16.89 -16.82
N VAL D 35 -6.61 -16.95 -17.91
CA VAL D 35 -6.14 -16.73 -19.28
C VAL D 35 -6.81 -15.49 -19.83
N HIS D 36 -6.03 -14.69 -20.56
CA HIS D 36 -6.45 -13.43 -21.18
C HIS D 36 -6.01 -13.47 -22.64
N TRP D 37 -6.73 -12.72 -23.50
CA TRP D 37 -6.45 -12.70 -24.93
C TRP D 37 -6.24 -11.29 -25.42
N TYR D 38 -5.47 -11.15 -26.50
CA TYR D 38 -5.17 -9.88 -27.15
C TYR D 38 -5.42 -10.00 -28.63
N GLN D 39 -5.93 -8.92 -29.22
CA GLN D 39 -6.11 -8.81 -30.65
C GLN D 39 -5.03 -7.84 -31.14
N GLN D 40 -4.31 -8.24 -32.20
CA GLN D 40 -3.29 -7.42 -32.83
C GLN D 40 -3.55 -7.28 -34.33
N LEU D 41 -4.07 -6.10 -34.74
CA LEU D 41 -4.36 -5.79 -36.16
C LEU D 41 -3.08 -5.37 -36.91
N PRO D 42 -2.97 -5.61 -38.26
CA PRO D 42 -1.70 -5.26 -38.95
C PRO D 42 -1.16 -3.86 -38.64
N GLY D 43 0.09 -3.82 -38.21
CA GLY D 43 0.84 -2.62 -37.87
C GLY D 43 0.30 -1.74 -36.74
N THR D 44 -0.32 -2.35 -35.72
CA THR D 44 -0.83 -1.68 -34.52
C THR D 44 -0.34 -2.45 -33.29
N ALA D 45 -0.32 -1.76 -32.12
CA ALA D 45 0.07 -2.38 -30.87
C ALA D 45 -1.03 -3.33 -30.44
N PRO D 46 -0.76 -4.42 -29.68
CA PRO D 46 -1.87 -5.29 -29.25
C PRO D 46 -2.89 -4.54 -28.39
N LYS D 47 -4.14 -5.07 -28.33
CA LYS D 47 -5.20 -4.56 -27.47
C LYS D 47 -5.87 -5.71 -26.74
N LEU D 48 -6.33 -5.44 -25.52
CA LEU D 48 -7.02 -6.46 -24.74
C LEU D 48 -8.35 -6.82 -25.40
N LEU D 49 -8.60 -8.11 -25.55
CA LEU D 49 -9.83 -8.62 -26.15
C LEU D 49 -10.74 -9.34 -25.10
N ILE D 50 -10.14 -10.22 -24.27
CA ILE D 50 -10.78 -10.99 -23.18
C ILE D 50 -9.84 -10.92 -21.96
N TYR D 51 -10.39 -10.63 -20.79
CA TYR D 51 -9.63 -10.62 -19.55
C TYR D 51 -10.32 -11.53 -18.53
N ALA D 52 -9.56 -12.10 -17.61
CA ALA D 52 -10.07 -12.99 -16.56
C ALA D 52 -10.95 -14.11 -17.15
N ASN D 53 -10.36 -14.86 -18.12
CA ASN D 53 -10.91 -16.03 -18.83
C ASN D 53 -12.08 -15.76 -19.79
N ASN D 54 -13.12 -15.06 -19.34
CA ASN D 54 -14.32 -14.86 -20.16
C ASN D 54 -14.87 -13.45 -20.17
N ASN D 55 -14.18 -12.48 -19.61
CA ASN D 55 -14.72 -11.12 -19.58
C ASN D 55 -14.34 -10.26 -20.78
N ARG D 56 -15.32 -9.54 -21.35
CA ARG D 56 -15.06 -8.65 -22.47
C ARG D 56 -14.94 -7.19 -22.00
N PRO D 57 -13.85 -6.48 -22.39
CA PRO D 57 -13.77 -5.06 -22.07
C PRO D 57 -14.82 -4.31 -22.87
N SER D 58 -14.91 -2.99 -22.71
CA SER D 58 -15.89 -2.24 -23.49
C SER D 58 -15.39 -2.07 -24.92
N GLY D 59 -16.30 -2.26 -25.87
CA GLY D 59 -16.00 -2.14 -27.29
C GLY D 59 -15.73 -3.48 -27.95
N VAL D 60 -15.90 -4.58 -27.18
CA VAL D 60 -15.69 -5.95 -27.66
C VAL D 60 -17.07 -6.67 -27.73
N PRO D 61 -17.56 -7.02 -28.95
CA PRO D 61 -18.90 -7.62 -29.08
C PRO D 61 -19.07 -9.03 -28.57
N ASP D 62 -20.32 -9.41 -28.30
CA ASP D 62 -20.70 -10.72 -27.78
C ASP D 62 -20.24 -11.91 -28.67
N ARG D 63 -19.71 -11.61 -29.87
CA ARG D 63 -19.17 -12.59 -30.83
C ARG D 63 -17.91 -13.22 -30.27
N PHE D 64 -17.12 -12.43 -29.54
CA PHE D 64 -15.88 -12.86 -28.89
C PHE D 64 -16.18 -13.42 -27.51
N SER D 65 -15.75 -14.66 -27.28
CA SER D 65 -15.96 -15.33 -25.98
C SER D 65 -14.75 -16.15 -25.55
N GLY D 66 -14.56 -16.25 -24.24
CA GLY D 66 -13.46 -17.01 -23.67
C GLY D 66 -13.89 -18.16 -22.78
N SER D 67 -13.12 -19.22 -22.82
CA SER D 67 -13.35 -20.41 -22.00
C SER D 67 -12.00 -20.97 -21.64
N LYS D 68 -11.93 -21.64 -20.51
CA LYS D 68 -10.73 -22.24 -19.94
C LYS D 68 -11.17 -23.54 -19.28
N SER D 69 -10.50 -24.66 -19.61
CA SER D 69 -10.83 -25.95 -19.01
C SER D 69 -9.57 -26.75 -18.83
N GLY D 70 -9.31 -27.10 -17.58
CA GLY D 70 -8.12 -27.86 -17.22
C GLY D 70 -6.85 -27.03 -17.36
N SER D 71 -5.99 -27.45 -18.31
CA SER D 71 -4.74 -26.78 -18.61
C SER D 71 -4.75 -26.19 -20.04
N SER D 72 -5.96 -25.89 -20.54
CA SER D 72 -6.17 -25.30 -21.87
C SER D 72 -7.26 -24.25 -21.86
N ALA D 73 -7.11 -23.24 -22.72
CA ALA D 73 -8.08 -22.17 -22.95
C ALA D 73 -8.45 -22.02 -24.45
N SER D 74 -9.57 -21.36 -24.72
CA SER D 74 -10.03 -21.18 -26.08
C SER D 74 -10.73 -19.87 -26.28
N LEU D 75 -10.33 -19.17 -27.34
CA LEU D 75 -10.99 -17.97 -27.80
C LEU D 75 -11.92 -18.44 -28.93
N ALA D 76 -13.21 -18.10 -28.83
CA ALA D 76 -14.17 -18.42 -29.88
C ALA D 76 -14.73 -17.14 -30.46
N ILE D 77 -14.86 -17.13 -31.80
CA ILE D 77 -15.47 -16.02 -32.53
C ILE D 77 -16.60 -16.58 -33.42
N THR D 78 -17.85 -16.27 -33.07
CA THR D 78 -19.04 -16.68 -33.80
C THR D 78 -19.42 -15.56 -34.75
N GLY D 79 -19.93 -15.90 -35.94
CA GLY D 79 -20.35 -14.93 -36.94
C GLY D 79 -19.19 -14.06 -37.38
N LEU D 80 -18.14 -14.71 -37.87
CA LEU D 80 -16.91 -14.12 -38.32
C LEU D 80 -17.13 -12.99 -39.34
N GLN D 81 -16.49 -11.82 -39.12
CA GLN D 81 -16.52 -10.65 -40.00
C GLN D 81 -15.09 -10.38 -40.46
N ALA D 82 -14.92 -9.81 -41.66
CA ALA D 82 -13.62 -9.51 -42.26
C ALA D 82 -12.71 -8.69 -41.34
N GLU D 83 -13.32 -7.78 -40.54
CA GLU D 83 -12.70 -6.88 -39.54
C GLU D 83 -11.98 -7.64 -38.41
N ASP D 84 -12.32 -8.92 -38.22
CA ASP D 84 -11.74 -9.79 -37.22
C ASP D 84 -10.38 -10.35 -37.64
N GLU D 85 -10.05 -10.29 -38.94
CA GLU D 85 -8.78 -10.74 -39.51
C GLU D 85 -7.65 -9.93 -38.84
N ALA D 86 -6.88 -10.60 -37.94
CA ALA D 86 -5.76 -10.09 -37.12
C ALA D 86 -4.99 -11.25 -36.48
N ASP D 87 -3.92 -10.96 -35.70
CA ASP D 87 -3.23 -11.96 -34.90
C ASP D 87 -3.93 -12.04 -33.55
N TYR D 88 -3.85 -13.18 -32.89
CA TYR D 88 -4.49 -13.35 -31.60
C TYR D 88 -3.55 -14.02 -30.64
N TYR D 89 -3.27 -13.36 -29.49
CA TYR D 89 -2.36 -13.91 -28.47
C TYR D 89 -3.08 -14.21 -27.17
N CYS D 90 -2.76 -15.33 -26.56
CA CYS D 90 -3.28 -15.67 -25.25
C CYS D 90 -2.16 -15.40 -24.26
N GLN D 91 -2.53 -14.99 -23.06
CA GLN D 91 -1.60 -14.66 -22.00
C GLN D 91 -2.11 -15.24 -20.68
N SER D 92 -1.18 -15.71 -19.86
CA SER D 92 -1.45 -16.31 -18.56
C SER D 92 -0.29 -15.98 -17.62
N PHE D 93 -0.01 -16.88 -16.68
CA PHE D 93 1.03 -16.75 -15.66
C PHE D 93 1.73 -18.09 -15.47
N ASP D 94 3.06 -18.08 -15.21
CA ASP D 94 3.84 -19.29 -14.97
C ASP D 94 4.65 -19.22 -13.65
N SER D 95 4.36 -20.15 -12.73
CA SER D 95 4.97 -20.26 -11.40
C SER D 95 6.17 -21.22 -11.28
N ILE D 96 6.61 -21.82 -12.40
CA ILE D 96 7.68 -22.82 -12.37
C ILE D 96 8.92 -22.29 -11.65
N LEU D 97 9.34 -21.05 -11.91
CA LEU D 97 10.46 -20.40 -11.29
C LEU D 97 10.06 -19.11 -10.52
N SER D 98 10.42 -17.95 -11.09
CA SER D 98 10.23 -16.63 -10.47
C SER D 98 8.76 -16.15 -10.27
N GLY D 99 7.83 -16.64 -11.11
CA GLY D 99 6.43 -16.21 -11.15
C GLY D 99 6.30 -15.17 -12.25
N ASP D 100 6.23 -15.65 -13.49
CA ASP D 100 6.25 -14.80 -14.68
C ASP D 100 4.97 -14.69 -15.46
N LEU D 101 4.81 -13.57 -16.18
CA LEU D 101 3.71 -13.38 -17.10
C LEU D 101 4.20 -13.97 -18.41
N VAL D 102 3.35 -14.80 -19.04
CA VAL D 102 3.66 -15.54 -20.27
C VAL D 102 2.66 -15.27 -21.42
N PHE D 103 3.10 -15.42 -22.68
CA PHE D 103 2.26 -15.27 -23.88
C PHE D 103 2.34 -16.53 -24.71
N GLY D 104 1.32 -16.72 -25.53
CA GLY D 104 1.27 -17.79 -26.52
C GLY D 104 2.00 -17.32 -27.77
N GLY D 105 2.30 -18.25 -28.66
CA GLY D 105 3.00 -17.94 -29.90
C GLY D 105 2.28 -17.12 -30.96
N GLY D 106 0.97 -16.91 -30.78
CA GLY D 106 0.11 -16.15 -31.70
C GLY D 106 -0.52 -17.01 -32.77
N THR D 107 -1.72 -16.60 -33.24
CA THR D 107 -2.51 -17.25 -34.30
C THR D 107 -3.02 -16.21 -35.30
N LYS D 108 -2.64 -16.36 -36.59
CA LYS D 108 -3.11 -15.48 -37.65
C LYS D 108 -4.48 -15.97 -38.14
N LEU D 109 -5.51 -15.15 -37.90
CA LEU D 109 -6.86 -15.45 -38.37
C LEU D 109 -7.04 -14.85 -39.76
N THR D 110 -7.51 -15.72 -40.67
CA THR D 110 -7.80 -15.42 -42.07
C THR D 110 -9.31 -15.57 -42.25
N VAL D 111 -9.96 -14.51 -42.74
CA VAL D 111 -11.41 -14.54 -42.98
C VAL D 111 -11.52 -14.84 -44.49
N LEU D 112 -12.36 -15.81 -44.87
CA LEU D 112 -12.46 -16.21 -46.26
C LEU D 112 -13.52 -15.44 -47.06
N GLY D 113 -13.63 -15.76 -48.34
CA GLY D 113 -14.59 -15.13 -49.25
C GLY D 113 -14.41 -13.62 -49.41
N GLN D 114 -13.14 -13.18 -49.47
CA GLN D 114 -12.78 -11.77 -49.61
C GLN D 114 -12.48 -11.38 -51.07
N PRO D 115 -13.33 -10.45 -51.63
CA PRO D 115 -13.18 -10.01 -53.04
C PRO D 115 -11.77 -9.78 -53.60
N LYS D 116 -11.56 -10.32 -54.82
CA LYS D 116 -10.32 -10.30 -55.58
C LYS D 116 -10.04 -8.94 -56.24
N GLY D 117 -9.76 -7.92 -55.43
CA GLY D 117 -9.43 -6.57 -55.88
C GLY D 117 -8.14 -6.44 -56.68
N ALA D 118 -8.15 -5.54 -57.71
CA ALA D 118 -7.02 -5.28 -58.62
C ALA D 118 -6.09 -4.12 -58.16
N PRO D 119 -4.76 -4.21 -58.44
CA PRO D 119 -3.85 -3.16 -57.97
C PRO D 119 -3.95 -1.78 -58.63
N SER D 120 -3.65 -0.74 -57.83
CA SER D 120 -3.62 0.66 -58.26
C SER D 120 -2.15 1.17 -58.26
N VAL D 121 -1.55 1.06 -59.45
CA VAL D 121 -0.18 1.43 -59.77
C VAL D 121 -0.10 2.91 -60.16
N THR D 122 0.93 3.60 -59.66
CA THR D 122 1.24 5.00 -59.93
C THR D 122 2.77 5.10 -60.05
N LEU D 123 3.28 5.58 -61.20
CA LEU D 123 4.73 5.63 -61.45
C LEU D 123 5.30 7.06 -61.58
N PHE D 124 6.36 7.33 -60.80
CA PHE D 124 7.02 8.63 -60.74
C PHE D 124 8.40 8.65 -61.40
N PRO D 125 8.71 9.73 -62.16
CA PRO D 125 10.03 9.83 -62.79
C PRO D 125 11.08 10.44 -61.84
N PRO D 126 12.42 10.34 -62.10
CA PRO D 126 13.39 10.99 -61.19
C PRO D 126 13.21 12.50 -61.19
N SER D 127 13.07 13.08 -59.98
CA SER D 127 12.83 14.51 -59.78
C SER D 127 13.97 15.42 -60.27
N SER D 128 13.61 16.70 -60.47
CA SER D 128 14.46 17.81 -60.91
C SER D 128 15.64 17.92 -59.96
N GLU D 129 15.35 17.91 -58.64
CA GLU D 129 16.29 17.97 -57.53
C GLU D 129 17.17 16.71 -57.48
N GLU D 130 16.60 15.55 -57.85
CA GLU D 130 17.29 14.26 -57.82
C GLU D 130 18.36 14.11 -58.90
N LEU D 131 18.04 14.47 -60.15
CA LEU D 131 18.97 14.37 -61.28
C LEU D 131 20.13 15.35 -61.11
N GLN D 132 19.85 16.53 -60.51
CA GLN D 132 20.81 17.59 -60.16
C GLN D 132 21.73 17.13 -59.01
N ALA D 133 21.34 16.04 -58.30
CA ALA D 133 22.10 15.39 -57.23
C ALA D 133 22.85 14.15 -57.79
N ASN D 134 22.94 14.08 -59.14
CA ASN D 134 23.64 13.07 -59.96
C ASN D 134 23.13 11.62 -59.76
N LYS D 135 21.84 11.47 -59.43
CA LYS D 135 21.22 10.14 -59.26
C LYS D 135 19.82 10.12 -59.88
N ALA D 136 19.30 8.92 -60.23
CA ALA D 136 17.98 8.79 -60.84
C ALA D 136 17.21 7.60 -60.26
N THR D 137 15.96 7.82 -59.80
CA THR D 137 15.11 6.77 -59.23
C THR D 137 13.68 6.82 -59.75
N LEU D 138 13.21 5.69 -60.26
CA LEU D 138 11.83 5.56 -60.72
C LEU D 138 11.03 4.86 -59.63
N VAL D 139 9.92 5.47 -59.17
CA VAL D 139 9.10 4.91 -58.08
C VAL D 139 7.73 4.37 -58.57
N CYS D 140 7.55 3.04 -58.51
CA CYS D 140 6.35 2.30 -58.91
C CYS D 140 5.54 1.86 -57.66
N LEU D 141 4.45 2.57 -57.35
CA LEU D 141 3.62 2.35 -56.17
C LEU D 141 2.35 1.54 -56.44
N ILE D 142 2.35 0.29 -55.96
CA ILE D 142 1.26 -0.69 -56.12
C ILE D 142 0.39 -0.71 -54.84
N SER D 143 -0.94 -0.51 -54.92
CA SER D 143 -1.80 -0.52 -53.72
C SER D 143 -3.24 -1.03 -53.94
N ASP D 144 -3.89 -1.41 -52.82
CA ASP D 144 -5.28 -1.89 -52.72
C ASP D 144 -5.58 -3.17 -53.51
N PHE D 145 -4.64 -4.13 -53.54
CA PHE D 145 -4.83 -5.41 -54.23
C PHE D 145 -5.06 -6.59 -53.26
N TYR D 146 -5.94 -7.57 -53.66
CA TYR D 146 -6.26 -8.79 -52.89
C TYR D 146 -6.42 -10.02 -53.82
N PRO D 147 -5.72 -11.17 -53.62
CA PRO D 147 -4.68 -11.48 -52.61
C PRO D 147 -3.36 -10.73 -52.81
N GLY D 148 -2.51 -10.79 -51.78
CA GLY D 148 -1.23 -10.11 -51.71
C GLY D 148 -0.06 -10.73 -52.43
N ALA D 149 -0.23 -11.05 -53.72
CA ALA D 149 0.84 -11.61 -54.53
C ALA D 149 0.94 -10.87 -55.87
N VAL D 150 2.13 -10.33 -56.14
CA VAL D 150 2.42 -9.53 -57.33
C VAL D 150 3.81 -9.80 -57.87
N THR D 151 3.95 -9.65 -59.20
CA THR D 151 5.22 -9.76 -59.92
C THR D 151 5.42 -8.45 -60.66
N VAL D 152 6.48 -7.72 -60.33
CA VAL D 152 6.76 -6.43 -60.94
C VAL D 152 7.92 -6.55 -61.92
N ALA D 153 7.67 -6.17 -63.18
CA ALA D 153 8.62 -6.21 -64.27
C ALA D 153 8.84 -4.81 -64.84
N TRP D 154 10.11 -4.36 -64.87
CA TRP D 154 10.47 -3.04 -65.41
C TRP D 154 10.82 -3.14 -66.90
N LYS D 155 10.74 -1.99 -67.61
CA LYS D 155 11.05 -1.90 -69.06
C LYS D 155 11.79 -0.59 -69.42
N ALA D 156 13.01 -0.73 -69.98
CA ALA D 156 13.85 0.37 -70.50
C ALA D 156 13.52 0.40 -72.00
N ASP D 157 12.75 1.44 -72.42
CA ASP D 157 12.18 1.60 -73.76
C ASP D 157 11.07 0.54 -73.92
N SER D 158 11.44 -0.71 -74.29
CA SER D 158 10.52 -1.84 -74.43
C SER D 158 11.24 -3.18 -74.15
N SER D 159 12.48 -3.11 -73.62
CA SER D 159 13.34 -4.25 -73.31
C SER D 159 13.42 -4.51 -71.78
N PRO D 160 13.55 -5.80 -71.33
CA PRO D 160 13.62 -6.08 -69.88
C PRO D 160 14.78 -5.47 -69.10
N VAL D 161 14.51 -5.12 -67.83
CA VAL D 161 15.46 -4.57 -66.86
C VAL D 161 15.55 -5.55 -65.67
N LYS D 162 16.79 -5.77 -65.17
CA LYS D 162 17.08 -6.64 -64.02
C LYS D 162 17.93 -5.88 -62.99
N ALA D 163 18.85 -5.01 -63.48
CA ALA D 163 19.76 -4.20 -62.67
C ALA D 163 19.17 -2.82 -62.29
N GLY D 164 19.22 -2.51 -60.99
CA GLY D 164 18.70 -1.27 -60.42
C GLY D 164 17.31 -1.42 -59.81
N VAL D 165 16.65 -2.57 -60.10
CA VAL D 165 15.32 -2.94 -59.65
C VAL D 165 15.35 -3.43 -58.21
N GLU D 166 14.46 -2.90 -57.36
CA GLU D 166 14.32 -3.30 -55.95
C GLU D 166 12.86 -3.20 -55.54
N THR D 167 12.25 -4.35 -55.25
CA THR D 167 10.83 -4.44 -54.91
C THR D 167 10.59 -4.94 -53.47
N THR D 168 9.44 -4.53 -52.87
CA THR D 168 9.03 -4.92 -51.53
C THR D 168 8.21 -6.22 -51.53
N THR D 169 8.14 -6.87 -50.36
CA THR D 169 7.28 -8.02 -50.16
C THR D 169 5.90 -7.36 -49.79
N PRO D 170 4.77 -7.77 -50.40
CA PRO D 170 3.49 -7.10 -50.08
C PRO D 170 3.11 -7.08 -48.60
N SER D 171 2.63 -5.92 -48.10
CA SER D 171 2.21 -5.72 -46.71
C SER D 171 0.68 -5.52 -46.57
N LYS D 172 0.10 -5.99 -45.45
CA LYS D 172 -1.33 -5.86 -45.22
C LYS D 172 -1.74 -4.45 -44.72
N GLN D 173 -2.75 -3.88 -45.38
CA GLN D 173 -3.32 -2.56 -45.10
C GLN D 173 -4.42 -2.69 -44.04
N SER D 174 -4.97 -1.55 -43.60
CA SER D 174 -6.03 -1.45 -42.59
C SER D 174 -7.31 -2.12 -43.09
N ASN D 175 -7.64 -1.91 -44.38
CA ASN D 175 -8.82 -2.43 -45.07
C ASN D 175 -8.77 -3.94 -45.41
N ASN D 176 -7.66 -4.63 -45.07
CA ASN D 176 -7.36 -6.05 -45.32
C ASN D 176 -6.81 -6.29 -46.74
N LYS D 177 -6.64 -5.22 -47.55
CA LYS D 177 -6.04 -5.31 -48.89
C LYS D 177 -4.49 -5.17 -48.77
N TYR D 178 -3.74 -5.26 -49.88
CA TYR D 178 -2.27 -5.20 -49.78
C TYR D 178 -1.66 -4.00 -50.46
N ALA D 179 -0.34 -3.80 -50.27
CA ALA D 179 0.43 -2.72 -50.88
C ALA D 179 1.89 -3.10 -51.08
N ALA D 180 2.44 -2.72 -52.24
CA ALA D 180 3.84 -2.92 -52.59
C ALA D 180 4.44 -1.66 -53.27
N SER D 181 5.77 -1.65 -53.43
CA SER D 181 6.54 -0.60 -54.06
C SER D 181 7.77 -1.18 -54.79
N SER D 182 8.11 -0.58 -55.94
CA SER D 182 9.26 -0.99 -56.74
C SER D 182 10.03 0.25 -57.18
N TYR D 183 11.32 0.30 -56.82
CA TYR D 183 12.17 1.45 -57.12
C TYR D 183 13.27 1.04 -58.08
N LEU D 184 13.34 1.72 -59.25
CA LEU D 184 14.35 1.47 -60.29
C LEU D 184 15.46 2.55 -60.30
N SER D 185 16.68 2.11 -59.95
CA SER D 185 17.90 2.92 -59.87
C SER D 185 18.67 2.98 -61.19
N LEU D 186 18.82 4.23 -61.69
CA LEU D 186 19.50 4.59 -62.94
C LEU D 186 20.42 5.80 -62.70
N THR D 187 21.26 6.13 -63.69
CA THR D 187 22.12 7.31 -63.72
C THR D 187 21.35 8.32 -64.58
N PRO D 188 21.45 9.66 -64.36
CA PRO D 188 20.69 10.60 -65.21
C PRO D 188 20.89 10.41 -66.74
N GLU D 189 22.08 9.89 -67.12
CA GLU D 189 22.53 9.54 -68.47
C GLU D 189 21.60 8.48 -69.06
N GLN D 190 21.36 7.37 -68.29
CA GLN D 190 20.45 6.26 -68.62
C GLN D 190 19.03 6.79 -68.80
N TRP D 191 18.63 7.75 -67.94
CA TRP D 191 17.31 8.37 -67.92
C TRP D 191 17.04 9.18 -69.19
N LYS D 192 18.07 9.90 -69.67
CA LYS D 192 17.97 10.74 -70.87
C LYS D 192 18.20 9.95 -72.19
N SER D 193 19.09 8.92 -72.18
CA SER D 193 19.45 8.09 -73.35
C SER D 193 18.31 7.25 -73.92
N HIS D 194 17.35 6.84 -73.07
CA HIS D 194 16.20 6.04 -73.49
C HIS D 194 14.97 6.95 -73.69
N ARG D 195 14.07 6.56 -74.62
CA ARG D 195 12.86 7.32 -74.95
C ARG D 195 11.86 7.38 -73.79
N SER D 196 11.44 6.20 -73.26
CA SER D 196 10.50 6.11 -72.12
C SER D 196 10.63 4.82 -71.31
N TYR D 197 10.52 4.91 -69.96
CA TYR D 197 10.59 3.78 -69.04
C TYR D 197 9.18 3.30 -68.64
N SER D 198 9.01 1.99 -68.40
CA SER D 198 7.72 1.44 -68.02
C SER D 198 7.73 0.44 -66.84
N CYS D 199 6.63 0.43 -66.05
CA CYS D 199 6.43 -0.49 -64.92
C CYS D 199 5.25 -1.42 -65.24
N GLN D 200 5.50 -2.75 -65.25
CA GLN D 200 4.47 -3.76 -65.52
C GLN D 200 4.19 -4.58 -64.25
N VAL D 201 2.97 -4.43 -63.72
CA VAL D 201 2.53 -5.10 -62.50
C VAL D 201 1.48 -6.16 -62.84
N THR D 202 1.78 -7.43 -62.53
CA THR D 202 0.91 -8.57 -62.81
C THR D 202 0.31 -9.09 -61.51
N HIS D 203 -1.01 -9.15 -61.46
CA HIS D 203 -1.75 -9.63 -60.30
C HIS D 203 -2.85 -10.53 -60.80
N GLU D 204 -2.74 -11.85 -60.48
CA GLU D 204 -3.68 -12.91 -60.84
C GLU D 204 -3.83 -13.05 -62.37
N GLY D 205 -2.69 -13.08 -63.07
CA GLY D 205 -2.63 -13.17 -64.53
C GLY D 205 -2.84 -11.87 -65.27
N SER D 206 -3.81 -11.04 -64.78
CA SER D 206 -4.18 -9.73 -65.29
C SER D 206 -3.03 -8.75 -65.01
N THR D 207 -2.60 -7.97 -66.03
CA THR D 207 -1.47 -7.05 -65.90
C THR D 207 -1.86 -5.57 -66.09
N VAL D 208 -1.14 -4.66 -65.39
CA VAL D 208 -1.29 -3.21 -65.42
C VAL D 208 0.07 -2.60 -65.78
N GLU D 209 0.08 -1.66 -66.74
CA GLU D 209 1.29 -0.99 -67.23
C GLU D 209 1.23 0.53 -66.96
N LYS D 210 2.37 1.14 -66.64
CA LYS D 210 2.50 2.60 -66.44
C LYS D 210 3.82 3.07 -67.05
N THR D 211 3.84 4.26 -67.69
CA THR D 211 5.02 4.79 -68.39
C THR D 211 5.40 6.24 -68.01
N VAL D 212 6.72 6.57 -68.07
CA VAL D 212 7.32 7.90 -67.83
C VAL D 212 8.56 8.14 -68.74
N ALA D 213 8.66 9.35 -69.35
CA ALA D 213 9.73 9.79 -70.26
C ALA D 213 10.36 11.12 -69.79
N PRO D 214 11.67 11.40 -70.09
CA PRO D 214 12.33 12.63 -69.59
C PRO D 214 11.73 14.03 -69.94
N THR D 215 10.58 14.10 -70.65
CA THR D 215 9.92 15.38 -70.94
C THR D 215 8.45 15.36 -70.51
C1 NAG E . -3.08 -27.77 21.39
C2 NAG E . -2.16 -28.92 20.96
C3 NAG E . -2.53 -30.31 21.50
C4 NAG E . -3.04 -30.28 22.94
C5 NAG E . -3.94 -29.07 23.20
C6 NAG E . -4.29 -28.89 24.66
C7 NAG E . -1.13 -28.42 18.76
C8 NAG E . -1.18 -28.77 17.30
N2 NAG E . -2.12 -28.94 19.51
O3 NAG E . -1.36 -31.12 21.43
O4 NAG E . -3.81 -31.46 23.19
O5 NAG E . -3.26 -27.87 22.80
O6 NAG E . -3.12 -28.83 25.48
O7 NAG E . -0.24 -27.71 19.23
C1 NAG E . -3.25 -32.52 23.95
C2 NAG E . -4.38 -33.16 24.77
C3 NAG E . -3.97 -34.48 25.42
C4 NAG E . -3.25 -35.40 24.43
C5 NAG E . -2.13 -34.64 23.71
C6 NAG E . -1.46 -35.45 22.62
C7 NAG E . -6.15 -31.81 25.83
C8 NAG E . -6.50 -30.96 27.03
N2 NAG E . -4.88 -32.25 25.78
O3 NAG E . -5.13 -35.14 25.92
O4 NAG E . -2.72 -36.51 25.14
O5 NAG E . -2.68 -33.48 23.07
O6 NAG E . -0.65 -36.48 23.15
O7 NAG E . -6.97 -32.08 24.96
C1 NAG F . -9.15 -24.18 25.74
C2 NAG F . -10.43 -24.26 24.91
C3 NAG F . -11.54 -24.46 25.94
C4 NAG F . -11.33 -25.78 26.69
C5 NAG F . -9.95 -25.79 27.35
C6 NAG F . -9.56 -27.14 27.92
C7 NAG F . -10.64 -21.80 24.37
C8 NAG F . -10.95 -20.84 23.26
N2 NAG F . -10.72 -23.11 24.04
O3 NAG F . -12.83 -24.44 25.33
O4 NAG F . -12.36 -25.95 27.67
O5 NAG F . -8.94 -25.45 26.38
O6 NAG F . -8.21 -27.14 28.38
O7 NAG F . -10.34 -21.41 25.50
C1 NAG G . 9.41 -29.90 -13.83
C2 NAG G . 10.75 -30.08 -14.52
C3 NAG G . 10.55 -30.65 -15.93
C4 NAG G . 9.80 -31.98 -15.85
C5 NAG G . 8.49 -31.80 -15.07
C6 NAG G . 7.80 -33.13 -14.78
C7 NAG G . 11.14 -27.66 -15.04
C8 NAG G . 11.99 -26.48 -14.67
N2 NAG G . 11.54 -28.85 -14.55
O3 NAG G . 11.80 -30.83 -16.57
O4 NAG G . 9.55 -32.47 -17.16
O5 NAG G . 8.73 -31.18 -13.81
O6 NAG G . 6.56 -32.96 -14.08
O7 NAG G . 10.15 -27.54 -15.77
C1 NAG H . -14.32 7.61 38.69
C2 NAG H . -15.82 7.44 38.95
C3 NAG H . -16.44 8.82 39.17
C4 NAG H . -15.74 9.55 40.31
C5 NAG H . -14.24 9.63 40.05
C6 NAG H . -13.45 10.15 41.24
C7 NAG H . -16.62 5.41 37.76
C8 NAG H . -17.33 4.91 36.54
N2 NAG H . -16.47 6.75 37.84
O3 NAG H . -17.84 8.70 39.43
O4 NAG H . -16.28 10.87 40.47
O5 NAG H . -13.70 8.32 39.77
O6 NAG H . -13.19 9.13 42.20
O7 NAG H . -16.18 4.64 38.62
C1 NAG I . -11.16 5.12 64.57
C2 NAG I . -11.03 3.64 64.91
C3 NAG I . -12.43 3.03 64.94
C4 NAG I . -13.33 3.76 65.94
C5 NAG I . -13.30 5.28 65.71
C6 NAG I . -13.95 6.07 66.84
C7 NAG I . -8.93 2.52 64.21
C8 NAG I . -8.27 1.72 63.12
N2 NAG I . -10.19 2.93 63.95
O3 NAG I . -12.37 1.64 65.26
O4 NAG I . -14.65 3.27 65.84
O5 NAG I . -11.94 5.75 65.60
O6 NAG I . -13.78 7.47 66.68
O7 NAG I . -8.36 2.78 65.26
S SO4 J . -5.54 -25.80 3.20
O1 SO4 J . -5.10 -25.89 1.80
O2 SO4 J . -4.37 -25.91 4.07
O3 SO4 J . -6.43 -26.92 3.46
O4 SO4 J . -6.25 -24.53 3.49
S SO4 K . 11.55 -36.90 13.50
O1 SO4 K . 12.55 -37.55 12.66
O2 SO4 K . 11.68 -37.41 14.86
O3 SO4 K . 11.71 -35.44 13.52
O4 SO4 K . 10.24 -37.20 12.98
S SO4 L . 24.59 -32.87 -3.20
O1 SO4 L . 23.46 -33.75 -3.48
O2 SO4 L . 25.80 -33.68 -3.03
O3 SO4 L . 24.36 -32.16 -1.97
O4 SO4 L . 24.76 -31.88 -4.28
S SO4 M . 10.44 -37.90 -3.85
O1 SO4 M . 10.42 -37.83 -2.38
O2 SO4 M . 11.00 -39.18 -4.27
O3 SO4 M . 11.28 -36.82 -4.35
O4 SO4 M . 9.06 -37.77 -4.37
S SO4 N . -5.32 -13.21 -0.83
O1 SO4 N . -5.03 -13.80 -2.15
O2 SO4 N . -4.87 -14.15 0.22
O3 SO4 N . -4.65 -11.90 -0.84
O4 SO4 N . -6.75 -13.02 -0.58
S SO4 O . -12.17 -5.55 13.53
O1 SO4 O . -11.03 -5.61 14.45
O2 SO4 O . -12.11 -6.64 12.53
O3 SO4 O . -12.14 -4.25 12.86
O4 SO4 O . -13.42 -5.70 14.30
C1 GOL P . 4.83 -20.27 23.81
O1 GOL P . 4.68 -18.87 23.62
C2 GOL P . 5.44 -20.93 22.61
O2 GOL P . 6.82 -20.57 22.46
C3 GOL P . 5.33 -22.42 22.77
O3 GOL P . 5.33 -23.05 21.50
C1 GOL Q . 12.81 -21.76 23.83
O1 GOL Q . 13.82 -21.87 24.83
C2 GOL Q . 13.43 -21.77 22.44
O2 GOL Q . 14.09 -23.02 22.25
C3 GOL Q . 12.38 -21.58 21.35
O3 GOL Q . 12.20 -20.22 20.99
#